data_3JSJ
#
_entry.id   3JSJ
#
_cell.length_a   56.401
_cell.length_b   84.351
_cell.length_c   103.390
_cell.angle_alpha   90.000
_cell.angle_beta   102.310
_cell.angle_gamma   90.000
#
_symmetry.space_group_name_H-M   'P 1 21 1'
#
loop_
_entity.id
_entity.type
_entity.pdbx_description
1 polymer 'Putative TetR-family transcriptional regulator'
2 non-polymer 1,2-ETHANEDIOL
3 non-polymer 'MAGNESIUM ION'
4 water water
#
_entity_poly.entity_id   1
_entity_poly.type   'polypeptide(L)'
_entity_poly.pdbx_seq_one_letter_code
;G(MSE)TTEVKQSPRERLLEAAAALTYRDGVGIGVEALCKAAGVSKRS(MSE)YQLFESKDELLAASLKERSAAFVAKAL
PPADDGRSPRERILYVFERVESQAGAPDFQGCRYLAVQIELKDQAHPASRVAYQIKADL(MSE)AFFRSEAERGGASDPD
LLARQLILVFDGASARAGIGADNLTGLIVPTLTTLLDAAD(MSE)H
;
_entity_poly.pdbx_strand_id   A,B,C,D
#
loop_
_chem_comp.id
_chem_comp.type
_chem_comp.name
_chem_comp.formula
EDO non-polymer 1,2-ETHANEDIOL 'C2 H6 O2'
MG non-polymer 'MAGNESIUM ION' 'Mg 2'
#
# COMPACT_ATOMS: atom_id res chain seq x y z
N LYS A 7 -31.30 -11.68 -4.25
CA LYS A 7 -31.94 -11.83 -2.91
C LYS A 7 -30.91 -12.25 -1.84
N GLN A 8 -29.75 -11.59 -1.84
CA GLN A 8 -28.69 -11.83 -0.83
C GLN A 8 -28.15 -10.47 -0.39
N SER A 9 -28.23 -10.18 0.90
CA SER A 9 -27.86 -8.84 1.38
C SER A 9 -26.39 -8.53 1.24
N PRO A 10 -26.07 -7.22 1.22
CA PRO A 10 -24.68 -6.77 1.21
C PRO A 10 -23.88 -7.40 2.35
N ARG A 11 -24.51 -7.47 3.53
CA ARG A 11 -23.87 -8.09 4.69
C ARG A 11 -23.55 -9.56 4.41
N GLU A 12 -24.50 -10.32 3.85
CA GLU A 12 -24.24 -11.73 3.54
C GLU A 12 -23.21 -11.88 2.42
N ARG A 13 -23.25 -10.99 1.44
CA ARG A 13 -22.28 -11.10 0.34
C ARG A 13 -20.87 -10.89 0.89
N LEU A 14 -20.71 -9.94 1.81
CA LEU A 14 -19.42 -9.71 2.45
C LEU A 14 -18.96 -10.90 3.27
N LEU A 15 -19.86 -11.47 4.06
CA LEU A 15 -19.52 -12.64 4.86
C LEU A 15 -19.11 -13.82 3.99
N GLU A 16 -19.81 -14.02 2.88
CA GLU A 16 -19.48 -15.14 1.99
C GLU A 16 -18.14 -14.95 1.29
N ALA A 17 -17.86 -13.74 0.79
CA ALA A 17 -16.60 -13.45 0.13
C ALA A 17 -15.42 -13.54 1.11
N ALA A 18 -15.61 -13.07 2.34
CA ALA A 18 -14.53 -13.13 3.33
C ALA A 18 -14.18 -14.58 3.60
N ALA A 19 -15.20 -15.41 3.82
CA ALA A 19 -15.01 -16.84 4.08
C ALA A 19 -14.33 -17.56 2.92
N ALA A 20 -14.81 -17.29 1.71
CA ALA A 20 -14.29 -17.96 0.53
C ALA A 20 -12.86 -17.56 0.17
N LEU A 21 -12.62 -16.25 0.09
CA LEU A 21 -11.32 -15.72 -0.33
C LEU A 21 -10.18 -15.88 0.70
N THR A 22 -10.44 -15.63 1.98
CA THR A 22 -9.40 -15.85 2.96
C THR A 22 -8.96 -17.31 2.99
N TYR A 23 -9.91 -18.25 2.85
CA TYR A 23 -9.57 -19.67 2.85
C TYR A 23 -8.78 -20.09 1.59
N ARG A 24 -9.20 -19.62 0.43
CA ARG A 24 -8.52 -19.98 -0.81
C ARG A 24 -7.23 -19.21 -1.06
N ASP A 25 -7.24 -17.91 -0.75
CA ASP A 25 -6.12 -17.00 -1.08
C ASP A 25 -5.29 -16.48 0.11
N GLY A 26 -5.79 -16.58 1.32
CA GLY A 26 -5.03 -16.16 2.50
C GLY A 26 -5.72 -15.01 3.18
N VAL A 27 -5.44 -14.83 4.48
CA VAL A 27 -6.08 -13.79 5.29
C VAL A 27 -5.70 -12.39 4.89
N GLY A 28 -4.64 -12.26 4.11
CA GLY A 28 -4.16 -10.99 3.69
C GLY A 28 -4.91 -10.31 2.57
N ILE A 29 -5.94 -10.95 2.01
CA ILE A 29 -6.69 -10.30 0.96
C ILE A 29 -7.20 -8.91 1.43
N GLY A 30 -7.12 -7.92 0.55
CA GLY A 30 -7.46 -6.55 0.92
C GLY A 30 -8.94 -6.19 0.84
N VAL A 31 -9.25 -5.04 1.46
CA VAL A 31 -10.58 -4.49 1.48
C VAL A 31 -11.11 -4.31 0.06
N GLU A 32 -10.30 -3.77 -0.84
CA GLU A 32 -10.75 -3.54 -2.23
C GLU A 32 -11.17 -4.85 -2.90
N ALA A 33 -10.33 -5.87 -2.81
CA ALA A 33 -10.60 -7.15 -3.43
C ALA A 33 -11.84 -7.79 -2.82
N LEU A 34 -11.96 -7.68 -1.50
CA LEU A 34 -13.07 -8.27 -0.78
C LEU A 34 -14.36 -7.60 -1.20
N CYS A 35 -14.35 -6.27 -1.21
CA CYS A 35 -15.53 -5.53 -1.60
C CYS A 35 -15.92 -5.77 -3.03
N LYS A 36 -14.91 -5.85 -3.92
CA LYS A 36 -15.17 -6.11 -5.33
C LYS A 36 -15.81 -7.47 -5.51
N ALA A 37 -15.29 -8.47 -4.79
CA ALA A 37 -15.84 -9.82 -4.87
C ALA A 37 -17.31 -9.86 -4.40
N ALA A 38 -17.60 -9.11 -3.34
CA ALA A 38 -18.92 -9.11 -2.73
C ALA A 38 -19.91 -8.24 -3.46
N GLY A 39 -19.41 -7.33 -4.29
CA GLY A 39 -20.28 -6.43 -5.04
C GLY A 39 -20.86 -5.32 -4.18
N VAL A 40 -20.08 -4.82 -3.23
CA VAL A 40 -20.50 -3.71 -2.37
C VAL A 40 -19.37 -2.69 -2.36
N SER A 41 -19.66 -1.47 -1.91
CA SER A 41 -18.65 -0.42 -1.82
C SER A 41 -17.90 -0.54 -0.50
N LYS A 42 -16.76 0.16 -0.40
CA LYS A 42 -15.99 0.21 0.84
C LYS A 42 -16.83 0.83 1.92
N ARG A 43 -17.55 1.88 1.59
CA ARG A 43 -18.42 2.56 2.54
C ARG A 43 -19.41 1.61 3.17
N SER A 44 -20.08 0.83 2.33
CA SER A 44 -21.02 -0.16 2.82
C SER A 44 -20.33 -1.15 3.77
N MSE A 45 -19.09 -1.53 3.48
CA MSE A 45 -18.40 -2.46 4.37
C MSE A 45 -18.22 -1.85 5.75
O MSE A 45 -18.51 -2.49 6.75
CB MSE A 45 -17.04 -2.86 3.86
CG MSE A 45 -16.51 -4.08 4.61
SE MSE A 45 -14.62 -4.31 4.37
CE MSE A 45 -13.99 -2.78 5.45
N TYR A 46 -17.73 -0.61 5.80
CA TYR A 46 -17.52 0.07 7.06
C TYR A 46 -18.81 0.38 7.82
N GLN A 47 -19.89 0.62 7.08
CA GLN A 47 -21.16 0.85 7.74
C GLN A 47 -21.64 -0.44 8.44
N LEU A 48 -21.38 -1.59 7.83
CA LEU A 48 -21.75 -2.88 8.40
C LEU A 48 -20.74 -3.45 9.43
N PHE A 49 -19.45 -3.17 9.27
CA PHE A 49 -18.41 -3.73 10.14
C PHE A 49 -17.37 -2.71 10.57
N GLU A 50 -16.79 -2.95 11.74
CA GLU A 50 -15.80 -2.04 12.29
C GLU A 50 -14.57 -1.98 11.43
N SER A 51 -14.22 -3.14 10.85
CA SER A 51 -13.00 -3.29 10.10
C SER A 51 -13.01 -4.62 9.39
N LYS A 52 -12.05 -4.83 8.49
CA LYS A 52 -11.92 -6.11 7.80
C LYS A 52 -11.68 -7.27 8.80
N ASP A 53 -10.91 -7.00 9.85
CA ASP A 53 -10.65 -7.98 10.91
C ASP A 53 -11.94 -8.49 11.52
N GLU A 54 -12.87 -7.59 11.80
CA GLU A 54 -14.14 -7.98 12.40
C GLU A 54 -15.06 -8.68 11.40
N LEU A 55 -14.98 -8.28 10.13
CA LEU A 55 -15.72 -8.96 9.09
C LEU A 55 -15.30 -10.42 9.06
N LEU A 56 -13.98 -10.67 9.05
CA LEU A 56 -13.49 -12.05 9.01
C LEU A 56 -13.93 -12.80 10.28
N ALA A 57 -13.83 -12.15 11.44
CA ALA A 57 -14.27 -12.78 12.69
C ALA A 57 -15.74 -13.18 12.60
N ALA A 58 -16.59 -12.29 12.07
CA ALA A 58 -18.02 -12.58 11.92
C ALA A 58 -18.30 -13.71 10.94
N SER A 59 -17.56 -13.71 9.83
CA SER A 59 -17.72 -14.72 8.83
CA SER A 59 -17.71 -14.74 8.81
C SER A 59 -17.39 -16.12 9.40
N LEU A 60 -16.30 -16.21 10.16
CA LEU A 60 -15.96 -17.50 10.79
C LEU A 60 -17.01 -17.93 11.80
N LYS A 61 -17.43 -16.97 12.65
CA LYS A 61 -18.40 -17.25 13.70
C LYS A 61 -19.77 -17.66 13.18
N GLU A 62 -20.31 -16.88 12.25
CA GLU A 62 -21.65 -17.08 11.79
C GLU A 62 -21.78 -18.26 10.81
N ARG A 63 -20.67 -18.76 10.30
CA ARG A 63 -20.70 -19.96 9.46
C ARG A 63 -20.25 -21.23 10.21
N SER A 64 -19.77 -21.13 11.45
CA SER A 64 -19.27 -22.30 12.15
C SER A 64 -20.32 -23.36 12.51
N ALA A 65 -21.56 -22.96 12.77
CA ALA A 65 -22.60 -23.95 13.10
C ALA A 65 -22.77 -24.97 11.96
N ALA A 66 -22.82 -24.51 10.72
CA ALA A 66 -22.97 -25.42 9.58
C ALA A 66 -21.72 -26.28 9.38
N PHE A 67 -20.52 -25.71 9.56
CA PHE A 67 -19.28 -26.51 9.56
C PHE A 67 -19.36 -27.63 10.59
N VAL A 68 -19.66 -27.28 11.84
CA VAL A 68 -19.74 -28.24 12.92
C VAL A 68 -20.74 -29.36 12.65
N ALA A 69 -21.88 -29.02 12.08
CA ALA A 69 -22.92 -29.99 11.75
C ALA A 69 -22.45 -31.01 10.69
N LYS A 70 -21.47 -30.63 9.86
CA LYS A 70 -20.91 -31.53 8.86
C LYS A 70 -19.63 -32.23 9.33
N ALA A 71 -18.88 -31.61 10.23
CA ALA A 71 -17.62 -32.18 10.68
C ALA A 71 -17.81 -33.28 11.75
N LEU A 72 -18.92 -33.19 12.48
CA LEU A 72 -19.19 -34.06 13.61
C LEU A 72 -20.36 -34.97 13.26
N PRO A 73 -20.39 -36.17 13.85
CA PRO A 73 -21.54 -37.06 13.61
C PRO A 73 -22.76 -36.50 14.33
N PRO A 74 -23.97 -36.83 13.88
CA PRO A 74 -25.14 -36.32 14.59
C PRO A 74 -25.33 -36.92 15.98
N ALA A 75 -26.05 -36.20 16.83
CA ALA A 75 -26.28 -36.58 18.22
C ALA A 75 -27.05 -37.89 18.40
N ASP A 76 -27.94 -38.20 17.47
CA ASP A 76 -28.79 -39.39 17.58
C ASP A 76 -28.35 -40.56 16.68
N ASP A 77 -27.05 -40.72 16.49
CA ASP A 77 -26.55 -41.65 15.47
C ASP A 77 -26.31 -43.10 15.89
N GLY A 78 -26.45 -43.42 17.17
CA GLY A 78 -26.22 -44.77 17.68
C GLY A 78 -24.78 -45.24 17.68
N ARG A 79 -23.82 -44.36 17.40
CA ARG A 79 -22.42 -44.74 17.32
C ARG A 79 -21.79 -44.80 18.70
N SER A 80 -20.82 -45.70 18.87
CA SER A 80 -20.05 -45.80 20.09
C SER A 80 -19.07 -44.62 20.08
N PRO A 81 -18.45 -44.34 21.24
CA PRO A 81 -17.46 -43.29 21.32
C PRO A 81 -16.32 -43.45 20.33
N ARG A 82 -15.81 -44.67 20.19
CA ARG A 82 -14.74 -44.90 19.21
C ARG A 82 -15.28 -44.63 17.81
N GLU A 83 -16.48 -45.12 17.49
CA GLU A 83 -17.02 -44.88 16.15
C GLU A 83 -17.18 -43.39 15.83
N ARG A 84 -17.62 -42.61 16.81
CA ARG A 84 -17.81 -41.19 16.64
C ARG A 84 -16.52 -40.44 16.43
N ILE A 85 -15.45 -40.87 17.08
CA ILE A 85 -14.16 -40.23 16.92
C ILE A 85 -13.65 -40.54 15.52
N LEU A 86 -13.73 -41.81 15.12
CA LEU A 86 -13.34 -42.24 13.77
C LEU A 86 -14.12 -41.51 12.69
N TYR A 87 -15.41 -41.26 12.94
CA TYR A 87 -16.25 -40.57 11.97
C TYR A 87 -15.63 -39.22 11.66
N VAL A 88 -15.26 -38.47 12.71
CA VAL A 88 -14.65 -37.16 12.54
C VAL A 88 -13.40 -37.21 11.66
N PHE A 89 -12.54 -38.18 11.91
CA PHE A 89 -11.34 -38.35 11.12
C PHE A 89 -11.56 -38.87 9.70
N GLU A 90 -12.57 -39.71 9.50
CA GLU A 90 -12.92 -40.19 8.16
CA GLU A 90 -12.87 -40.20 8.16
C GLU A 90 -13.28 -39.00 7.28
N ARG A 91 -13.92 -38.00 7.88
CA ARG A 91 -14.31 -36.79 7.18
C ARG A 91 -13.06 -36.01 6.72
N VAL A 92 -12.07 -35.90 7.60
CA VAL A 92 -10.83 -35.23 7.23
C VAL A 92 -10.17 -35.96 6.08
N GLU A 93 -10.08 -37.28 6.18
CA GLU A 93 -9.48 -38.08 5.14
C GLU A 93 -10.27 -37.92 3.83
N SER A 94 -11.60 -37.92 3.89
CA SER A 94 -12.41 -37.70 2.67
C SER A 94 -12.08 -36.33 2.06
N GLN A 95 -12.14 -35.27 2.86
CA GLN A 95 -11.81 -33.91 2.38
C GLN A 95 -10.39 -33.81 1.82
N ALA A 96 -9.43 -34.53 2.39
CA ALA A 96 -8.07 -34.54 1.87
C ALA A 96 -8.04 -34.95 0.39
N GLY A 97 -9.03 -35.70 -0.06
CA GLY A 97 -9.13 -36.06 -1.47
C GLY A 97 -9.70 -34.98 -2.38
N ALA A 98 -10.32 -33.93 -1.84
CA ALA A 98 -10.92 -32.88 -2.67
C ALA A 98 -9.84 -31.94 -3.23
N PRO A 99 -9.94 -31.60 -4.54
CA PRO A 99 -8.93 -30.73 -5.19
C PRO A 99 -8.79 -29.35 -4.56
N ASP A 100 -9.90 -28.77 -4.12
CA ASP A 100 -9.88 -27.46 -3.49
C ASP A 100 -9.60 -27.49 -1.95
N PHE A 101 -9.24 -28.64 -1.39
CA PHE A 101 -8.98 -28.74 0.05
C PHE A 101 -7.66 -28.05 0.39
N GLN A 102 -7.72 -27.04 1.26
CA GLN A 102 -6.52 -26.33 1.68
C GLN A 102 -6.40 -26.31 3.19
N GLY A 103 -6.77 -27.41 3.82
CA GLY A 103 -6.60 -27.56 5.27
C GLY A 103 -7.76 -27.13 6.12
N CYS A 104 -7.50 -27.08 7.42
CA CYS A 104 -8.46 -26.64 8.37
C CYS A 104 -8.50 -25.11 8.31
N ARG A 105 -9.68 -24.59 8.01
CA ARG A 105 -9.97 -23.17 7.95
CA ARG A 105 -9.88 -23.15 7.89
C ARG A 105 -9.51 -22.42 9.19
N TYR A 106 -9.80 -23.01 10.34
CA TYR A 106 -9.54 -22.39 11.63
C TYR A 106 -8.09 -22.41 12.05
N LEU A 107 -7.44 -23.53 11.84
CA LEU A 107 -6.02 -23.64 12.12
C LEU A 107 -5.27 -22.68 11.19
N ALA A 108 -5.65 -22.64 9.92
CA ALA A 108 -4.97 -21.78 8.96
C ALA A 108 -5.04 -20.29 9.33
N VAL A 109 -6.22 -19.82 9.71
CA VAL A 109 -6.38 -18.41 10.16
C VAL A 109 -5.44 -18.05 11.32
N GLN A 110 -5.38 -18.92 12.32
CA GLN A 110 -4.54 -18.68 13.49
C GLN A 110 -3.06 -18.67 13.08
N ILE A 111 -2.64 -19.62 12.27
CA ILE A 111 -1.22 -19.62 11.78
C ILE A 111 -0.89 -18.38 10.93
N GLU A 112 -1.82 -17.98 10.08
CA GLU A 112 -1.56 -16.88 9.19
C GLU A 112 -1.57 -15.52 9.91
N LEU A 113 -2.40 -15.36 10.93
CA LEU A 113 -2.49 -14.05 11.57
C LEU A 113 -1.41 -13.79 12.60
N LYS A 114 -0.84 -14.86 13.17
CA LYS A 114 0.24 -14.71 14.15
C LYS A 114 -0.08 -13.70 15.24
N ASP A 115 -1.31 -13.75 15.74
CA ASP A 115 -1.74 -12.83 16.79
C ASP A 115 -2.94 -13.43 17.48
N GLN A 116 -2.71 -14.02 18.65
CA GLN A 116 -3.79 -14.67 19.39
C GLN A 116 -4.90 -13.69 19.84
N ALA A 117 -4.59 -12.38 19.91
CA ALA A 117 -5.61 -11.39 20.30
C ALA A 117 -6.44 -10.89 19.10
N HIS A 118 -6.06 -11.27 17.88
CA HIS A 118 -6.82 -10.82 16.69
C HIS A 118 -8.23 -11.41 16.82
N PRO A 119 -9.27 -10.60 16.58
CA PRO A 119 -10.63 -11.14 16.74
C PRO A 119 -10.95 -12.43 15.96
N ALA A 120 -10.47 -12.54 14.73
CA ALA A 120 -10.73 -13.75 13.94
C ALA A 120 -9.98 -14.95 14.53
N SER A 121 -8.79 -14.70 15.05
CA SER A 121 -7.99 -15.74 15.65
CA SER A 121 -8.00 -15.75 15.67
C SER A 121 -8.69 -16.27 16.90
N ARG A 122 -9.29 -15.35 17.67
CA ARG A 122 -10.02 -15.75 18.87
CA ARG A 122 -10.04 -15.73 18.87
C ARG A 122 -11.24 -16.64 18.54
N VAL A 123 -11.97 -16.30 17.48
CA VAL A 123 -13.14 -17.08 17.05
C VAL A 123 -12.65 -18.45 16.58
N ALA A 124 -11.59 -18.45 15.77
CA ALA A 124 -11.00 -19.71 15.31
C ALA A 124 -10.51 -20.58 16.50
N TYR A 125 -9.82 -19.96 17.44
CA TYR A 125 -9.36 -20.66 18.65
C TYR A 125 -10.53 -21.31 19.39
N GLN A 126 -11.63 -20.57 19.53
CA GLN A 126 -12.80 -21.08 20.28
C GLN A 126 -13.48 -22.24 19.57
N ILE A 127 -13.64 -22.10 18.25
CA ILE A 127 -14.23 -23.15 17.42
C ILE A 127 -13.41 -24.44 17.58
N LYS A 128 -12.09 -24.30 17.57
CA LYS A 128 -11.21 -25.47 17.72
C LYS A 128 -11.13 -25.97 19.15
N ALA A 129 -11.36 -25.11 20.13
CA ALA A 129 -11.43 -25.59 21.51
C ALA A 129 -12.71 -26.44 21.68
N ASP A 130 -13.78 -26.05 20.98
CA ASP A 130 -15.03 -26.79 21.04
C ASP A 130 -14.84 -28.17 20.41
N LEU A 131 -14.04 -28.25 19.34
CA LEU A 131 -13.77 -29.57 18.72
C LEU A 131 -13.04 -30.42 19.74
N MSE A 132 -12.05 -29.84 20.40
CA MSE A 132 -11.35 -30.60 21.43
C MSE A 132 -12.32 -31.07 22.53
O MSE A 132 -12.16 -32.15 23.06
CB MSE A 132 -10.18 -29.81 22.03
CG MSE A 132 -9.36 -30.58 23.07
SE MSE A 132 -7.69 -29.67 23.50
CE MSE A 132 -8.40 -27.98 24.20
N ALA A 133 -13.29 -30.23 22.90
CA ALA A 133 -14.26 -30.59 23.95
C ALA A 133 -15.12 -31.78 23.48
N PHE A 134 -15.35 -31.85 22.17
CA PHE A 134 -16.07 -32.98 21.62
C PHE A 134 -15.26 -34.25 21.82
N PHE A 135 -13.97 -34.21 21.50
CA PHE A 135 -13.11 -35.37 21.67
C PHE A 135 -13.04 -35.75 23.16
N ARG A 136 -12.93 -34.76 24.04
CA ARG A 136 -12.91 -34.99 25.49
C ARG A 136 -14.18 -35.70 25.99
N SER A 137 -15.33 -35.25 25.54
CA SER A 137 -16.59 -35.84 25.93
C SER A 137 -16.65 -37.29 25.43
N GLU A 138 -16.27 -37.54 24.17
CA GLU A 138 -16.31 -38.92 23.65
C GLU A 138 -15.32 -39.81 24.38
N ALA A 139 -14.15 -39.27 24.67
CA ALA A 139 -13.12 -40.02 25.39
C ALA A 139 -13.65 -40.48 26.76
N GLU A 140 -14.32 -39.59 27.48
CA GLU A 140 -14.86 -39.93 28.78
C GLU A 140 -15.99 -40.93 28.66
N ARG A 141 -16.88 -40.74 27.68
CA ARG A 141 -18.01 -41.62 27.47
C ARG A 141 -17.51 -43.03 27.12
N GLY A 142 -16.39 -43.13 26.41
CA GLY A 142 -15.82 -44.43 26.05
C GLY A 142 -14.83 -45.02 27.05
N GLY A 143 -14.67 -44.37 28.20
CA GLY A 143 -13.80 -44.86 29.27
C GLY A 143 -12.28 -44.69 29.12
N ALA A 144 -11.83 -43.68 28.39
CA ALA A 144 -10.39 -43.47 28.23
C ALA A 144 -9.72 -43.32 29.60
N SER A 145 -8.53 -43.88 29.76
CA SER A 145 -7.85 -43.79 31.07
C SER A 145 -7.54 -42.33 31.46
N ASP A 146 -7.24 -41.49 30.48
CA ASP A 146 -6.94 -40.08 30.73
C ASP A 146 -7.65 -39.29 29.64
N PRO A 147 -8.93 -38.93 29.85
CA PRO A 147 -9.67 -38.24 28.77
C PRO A 147 -9.02 -36.93 28.28
N ASP A 148 -8.49 -36.11 29.19
CA ASP A 148 -7.81 -34.87 28.81
C ASP A 148 -6.60 -35.11 27.86
N LEU A 149 -5.77 -36.10 28.20
CA LEU A 149 -4.62 -36.44 27.39
C LEU A 149 -5.09 -36.91 26.01
N LEU A 150 -6.07 -37.81 25.98
CA LEU A 150 -6.55 -38.32 24.69
C LEU A 150 -7.12 -37.22 23.85
N ALA A 151 -7.86 -36.30 24.49
CA ALA A 151 -8.44 -35.18 23.75
C ALA A 151 -7.34 -34.30 23.12
N ARG A 152 -6.30 -34.02 23.89
CA ARG A 152 -5.17 -33.26 23.38
C ARG A 152 -4.49 -33.99 22.20
N GLN A 153 -4.40 -35.33 22.29
CA GLN A 153 -3.79 -36.12 21.21
C GLN A 153 -4.61 -36.08 19.94
N LEU A 154 -5.90 -36.22 20.10
CA LEU A 154 -6.82 -36.29 18.96
C LEU A 154 -6.81 -34.97 18.19
N ILE A 155 -6.90 -33.85 18.90
CA ILE A 155 -6.89 -32.54 18.28
C ILE A 155 -5.50 -32.25 17.65
N LEU A 156 -4.44 -32.75 18.26
CA LEU A 156 -3.10 -32.61 17.68
C LEU A 156 -3.05 -33.38 16.35
N VAL A 157 -3.57 -34.61 16.32
CA VAL A 157 -3.58 -35.41 15.09
C VAL A 157 -4.51 -34.80 14.04
N PHE A 158 -5.65 -34.26 14.50
CA PHE A 158 -6.56 -33.54 13.59
C PHE A 158 -5.82 -32.36 12.90
N ASP A 159 -5.08 -31.60 13.68
CA ASP A 159 -4.40 -30.40 13.15
C ASP A 159 -3.21 -30.78 12.27
N GLY A 160 -2.48 -31.81 12.69
CA GLY A 160 -1.38 -32.35 11.91
C GLY A 160 -1.88 -32.88 10.57
N ALA A 161 -2.97 -33.65 10.61
CA ALA A 161 -3.50 -34.27 9.41
C ALA A 161 -4.05 -33.22 8.44
N SER A 162 -4.82 -32.28 8.99
CA SER A 162 -5.40 -31.21 8.19
C SER A 162 -4.31 -30.33 7.54
N ALA A 163 -3.29 -29.98 8.32
CA ALA A 163 -2.21 -29.14 7.83
C ALA A 163 -1.51 -29.79 6.66
N ARG A 164 -1.11 -31.05 6.85
CA ARG A 164 -0.34 -31.75 5.86
C ARG A 164 -1.13 -32.05 4.58
N ALA A 165 -2.40 -32.38 4.71
CA ALA A 165 -3.21 -32.64 3.55
C ALA A 165 -3.49 -31.32 2.86
N GLY A 166 -3.65 -30.25 3.63
CA GLY A 166 -3.93 -28.96 3.05
C GLY A 166 -2.81 -28.35 2.24
N ILE A 167 -1.58 -28.75 2.52
CA ILE A 167 -0.41 -28.24 1.78
C ILE A 167 0.11 -29.26 0.77
N GLY A 168 -0.58 -30.40 0.65
CA GLY A 168 -0.21 -31.41 -0.32
C GLY A 168 0.94 -32.30 0.11
N ALA A 169 1.26 -32.30 1.39
CA ALA A 169 2.36 -33.09 1.91
C ALA A 169 1.96 -34.54 2.19
N ASP A 170 0.70 -34.80 2.48
CA ASP A 170 0.23 -36.16 2.75
C ASP A 170 -1.27 -36.25 2.49
N ASN A 171 -1.68 -37.20 1.64
CA ASN A 171 -3.10 -37.35 1.34
C ASN A 171 -3.85 -38.19 2.39
N LEU A 172 -3.13 -38.64 3.42
CA LEU A 172 -3.66 -39.36 4.57
C LEU A 172 -4.13 -40.80 4.32
N THR A 173 -4.01 -41.28 3.09
CA THR A 173 -4.43 -42.62 2.72
C THR A 173 -3.63 -43.62 3.51
N GLY A 174 -4.32 -44.52 4.21
CA GLY A 174 -3.69 -45.57 5.01
C GLY A 174 -2.97 -45.03 6.23
N LEU A 175 -3.22 -43.79 6.63
CA LEU A 175 -2.49 -43.21 7.75
C LEU A 175 -3.37 -42.93 8.97
N ILE A 176 -4.58 -42.45 8.72
CA ILE A 176 -5.46 -42.01 9.79
C ILE A 176 -6.02 -43.10 10.67
N VAL A 177 -6.60 -44.11 10.04
CA VAL A 177 -7.22 -45.17 10.81
C VAL A 177 -6.23 -45.88 11.72
N PRO A 178 -5.08 -46.30 11.18
CA PRO A 178 -4.09 -46.93 12.05
C PRO A 178 -3.61 -46.02 13.18
N THR A 179 -3.42 -44.73 12.91
CA THR A 179 -2.99 -43.81 13.96
C THR A 179 -4.06 -43.71 15.05
N LEU A 180 -5.31 -43.47 14.66
CA LEU A 180 -6.37 -43.40 15.65
C LEU A 180 -6.53 -44.69 16.41
N THR A 181 -6.56 -45.82 15.70
CA THR A 181 -6.67 -47.11 16.39
C THR A 181 -5.60 -47.27 17.47
N THR A 182 -4.37 -46.89 17.12
CA THR A 182 -3.26 -46.98 18.05
C THR A 182 -3.46 -46.09 19.28
N LEU A 183 -3.96 -44.86 19.07
CA LEU A 183 -4.16 -43.93 20.18
C LEU A 183 -5.35 -44.34 21.06
N LEU A 184 -6.42 -44.77 20.41
CA LEU A 184 -7.64 -45.22 21.10
C LEU A 184 -7.35 -46.47 21.92
N ASP A 185 -6.67 -47.44 21.34
CA ASP A 185 -6.29 -48.65 22.08
C ASP A 185 -5.38 -48.32 23.26
N ALA A 186 -4.44 -47.42 23.05
CA ALA A 186 -3.54 -47.03 24.11
C ALA A 186 -4.28 -46.35 25.29
N ALA A 187 -5.42 -45.72 25.01
CA ALA A 187 -6.20 -45.05 26.06
C ALA A 187 -7.16 -46.00 26.78
N ASP A 188 -7.12 -47.29 26.45
CA ASP A 188 -8.03 -48.28 27.01
C ASP A 188 -9.49 -47.94 26.70
N MSE A 189 -9.75 -47.44 25.49
CA MSE A 189 -11.11 -47.15 25.03
C MSE A 189 -11.84 -48.45 24.74
O MSE A 189 -11.39 -49.24 23.88
CB MSE A 189 -11.10 -46.36 23.72
CG MSE A 189 -10.62 -44.93 23.80
SE MSE A 189 -12.03 -43.66 24.17
CE MSE A 189 -13.25 -43.96 22.69
N HIS A 190 -12.98 -48.64 25.43
CA HIS A 190 -13.88 -49.77 25.22
C HIS A 190 -13.98 -49.98 23.71
N LYS B 7 29.85 -5.27 8.52
CA LYS B 7 30.59 -6.40 7.86
C LYS B 7 29.69 -7.26 6.99
N GLN B 8 28.45 -7.47 7.41
CA GLN B 8 27.52 -8.36 6.68
C GLN B 8 27.10 -7.83 5.32
N SER B 9 27.18 -8.65 4.26
CA SER B 9 26.88 -8.18 2.89
C SER B 9 25.40 -7.85 2.76
N PRO B 10 25.03 -6.93 1.83
CA PRO B 10 23.61 -6.61 1.63
C PRO B 10 22.75 -7.85 1.39
N ARG B 11 23.26 -8.81 0.62
CA ARG B 11 22.53 -10.04 0.34
C ARG B 11 22.25 -10.80 1.64
N GLU B 12 23.27 -10.97 2.48
CA GLU B 12 23.09 -11.67 3.77
C GLU B 12 22.16 -10.88 4.71
N ARG B 13 22.25 -9.57 4.69
CA ARG B 13 21.34 -8.75 5.50
C ARG B 13 19.91 -8.96 5.05
N LEU B 14 19.68 -9.09 3.72
CA LEU B 14 18.37 -9.35 3.18
C LEU B 14 17.83 -10.72 3.60
N LEU B 15 18.69 -11.75 3.55
CA LEU B 15 18.28 -13.09 3.92
C LEU B 15 17.87 -13.13 5.38
N GLU B 16 18.66 -12.47 6.21
CA GLU B 16 18.38 -12.41 7.63
C GLU B 16 17.06 -11.67 7.89
N ALA B 17 16.87 -10.50 7.28
CA ALA B 17 15.61 -9.77 7.46
C ALA B 17 14.40 -10.63 7.01
N ALA B 18 14.53 -11.29 5.87
CA ALA B 18 13.45 -12.15 5.35
C ALA B 18 13.09 -13.26 6.34
N ALA B 19 14.10 -13.93 6.88
CA ALA B 19 13.85 -15.02 7.82
C ALA B 19 13.11 -14.51 9.07
N ALA B 20 13.60 -13.42 9.63
CA ALA B 20 13.07 -12.88 10.86
C ALA B 20 11.67 -12.30 10.70
N LEU B 21 11.46 -11.51 9.65
CA LEU B 21 10.20 -10.83 9.45
C LEU B 21 9.08 -11.76 9.00
N THR B 22 9.35 -12.67 8.06
CA THR B 22 8.29 -13.58 7.60
C THR B 22 7.83 -14.52 8.72
N TYR B 23 8.75 -14.96 9.57
CA TYR B 23 8.42 -15.87 10.67
C TYR B 23 7.61 -15.18 11.76
N ARG B 24 7.93 -13.91 12.03
CA ARG B 24 7.22 -13.19 13.07
C ARG B 24 5.94 -12.53 12.55
N ASP B 25 6.03 -11.87 11.39
CA ASP B 25 4.95 -11.08 10.84
C ASP B 25 4.22 -11.67 9.66
N GLY B 26 4.67 -12.80 9.14
CA GLY B 26 3.96 -13.44 8.04
C GLY B 26 4.63 -13.22 6.71
N VAL B 27 4.34 -14.11 5.77
CA VAL B 27 4.98 -14.06 4.46
C VAL B 27 4.55 -12.84 3.66
N GLY B 28 3.49 -12.17 4.06
CA GLY B 28 3.01 -10.98 3.36
C GLY B 28 3.80 -9.69 3.56
N ILE B 29 4.83 -9.68 4.39
CA ILE B 29 5.57 -8.43 4.63
C ILE B 29 6.13 -7.91 3.30
N GLY B 30 6.10 -6.60 3.14
CA GLY B 30 6.47 -5.97 1.89
C GLY B 30 7.93 -5.71 1.69
N VAL B 31 8.25 -5.41 0.45
CA VAL B 31 9.59 -5.03 0.04
C VAL B 31 10.15 -3.89 0.86
N GLU B 32 9.38 -2.82 1.03
CA GLU B 32 9.86 -1.68 1.84
C GLU B 32 10.26 -2.12 3.24
N ALA B 33 9.40 -2.91 3.90
CA ALA B 33 9.69 -3.33 5.27
C ALA B 33 10.94 -4.22 5.32
N LEU B 34 11.09 -5.07 4.30
CA LEU B 34 12.22 -5.96 4.24
C LEU B 34 13.52 -5.17 4.07
N CYS B 35 13.51 -4.26 3.13
CA CYS B 35 14.67 -3.42 2.85
C CYS B 35 15.03 -2.51 4.00
N LYS B 36 14.02 -2.01 4.72
CA LYS B 36 14.31 -1.18 5.88
C LYS B 36 15.00 -2.01 6.96
N ALA B 37 14.46 -3.21 7.24
CA ALA B 37 15.05 -4.07 8.28
C ALA B 37 16.48 -4.48 7.90
N ALA B 38 16.73 -4.70 6.61
CA ALA B 38 18.06 -5.13 6.14
C ALA B 38 19.01 -3.96 5.97
N GLY B 39 18.51 -2.73 5.95
CA GLY B 39 19.38 -1.57 5.72
C GLY B 39 19.94 -1.60 4.31
N VAL B 40 19.14 -2.05 3.34
CA VAL B 40 19.57 -2.07 1.95
C VAL B 40 18.53 -1.31 1.11
N SER B 41 18.91 -0.87 -0.08
CA SER B 41 17.99 -0.17 -0.95
C SER B 41 17.20 -1.17 -1.81
N LYS B 42 16.11 -0.70 -2.39
CA LYS B 42 15.31 -1.53 -3.28
C LYS B 42 16.15 -1.92 -4.50
N ARG B 43 16.96 -0.99 -4.99
CA ARG B 43 17.83 -1.30 -6.10
C ARG B 43 18.72 -2.50 -5.79
N SER B 44 19.33 -2.51 -4.60
CA SER B 44 20.21 -3.61 -4.22
C SER B 44 19.43 -4.92 -4.15
N MSE B 45 18.23 -4.87 -3.62
CA MSE B 45 17.46 -6.08 -3.49
C MSE B 45 17.18 -6.69 -4.86
O MSE B 45 17.38 -7.89 -5.04
CB MSE B 45 16.13 -5.87 -2.78
CG MSE B 45 15.51 -7.22 -2.40
SE MSE B 45 13.64 -7.13 -2.04
CE MSE B 45 13.01 -7.26 -3.91
N TYR B 46 16.73 -5.85 -5.78
CA TYR B 46 16.45 -6.27 -7.15
C TYR B 46 17.70 -6.57 -7.99
N GLN B 47 18.87 -6.02 -7.64
CA GLN B 47 20.10 -6.44 -8.32
C GLN B 47 20.47 -7.87 -7.90
N LEU B 48 20.16 -8.21 -6.65
CA LEU B 48 20.46 -9.51 -6.06
C LEU B 48 19.42 -10.61 -6.28
N PHE B 49 18.13 -10.25 -6.36
CA PHE B 49 17.04 -11.21 -6.48
C PHE B 49 16.05 -10.76 -7.53
N GLU B 50 15.44 -11.74 -8.18
CA GLU B 50 14.46 -11.44 -9.18
C GLU B 50 13.22 -10.86 -8.51
N SER B 51 12.88 -11.37 -7.34
CA SER B 51 11.68 -10.97 -6.65
C SER B 51 11.80 -11.28 -5.19
N LYS B 52 10.90 -10.74 -4.37
CA LYS B 52 10.81 -11.05 -2.98
C LYS B 52 10.47 -12.55 -2.76
N ASP B 53 9.79 -13.16 -3.71
CA ASP B 53 9.49 -14.59 -3.64
C ASP B 53 10.79 -15.39 -3.64
N GLU B 54 11.67 -15.06 -4.57
CA GLU B 54 12.97 -15.73 -4.67
C GLU B 54 13.89 -15.42 -3.48
N LEU B 55 13.78 -14.21 -2.94
CA LEU B 55 14.53 -13.88 -1.76
C LEU B 55 14.13 -14.82 -0.62
N LEU B 56 12.83 -14.98 -0.41
CA LEU B 56 12.35 -15.82 0.67
C LEU B 56 12.80 -17.26 0.46
N ALA B 57 12.69 -17.78 -0.76
CA ALA B 57 13.11 -19.15 -1.05
C ALA B 57 14.59 -19.29 -0.71
N ALA B 58 15.40 -18.28 -1.07
CA ALA B 58 16.82 -18.31 -0.77
C ALA B 58 17.11 -18.29 0.73
N SER B 59 16.42 -17.45 1.49
CA SER B 59 16.64 -17.34 2.93
CA SER B 59 16.67 -17.35 2.92
C SER B 59 16.36 -18.69 3.60
N LEU B 60 15.23 -19.28 3.26
CA LEU B 60 14.84 -20.58 3.78
C LEU B 60 15.87 -21.66 3.42
N LYS B 61 16.24 -21.72 2.13
CA LYS B 61 17.20 -22.73 1.70
C LYS B 61 18.58 -22.60 2.33
N GLU B 62 19.16 -21.41 2.27
CA GLU B 62 20.53 -21.21 2.73
C GLU B 62 20.69 -21.23 4.24
N ARG B 63 19.62 -21.03 4.97
CA ARG B 63 19.68 -21.10 6.41
C ARG B 63 19.27 -22.46 6.97
N SER B 64 18.82 -23.39 6.13
CA SER B 64 18.30 -24.67 6.63
C SER B 64 19.34 -25.55 7.30
N ALA B 65 20.56 -25.60 6.76
CA ALA B 65 21.60 -26.45 7.34
C ALA B 65 21.84 -26.16 8.82
N ALA B 66 21.80 -24.88 9.19
CA ALA B 66 22.00 -24.51 10.61
C ALA B 66 20.79 -24.97 11.45
N PHE B 67 19.59 -24.88 10.89
CA PHE B 67 18.39 -25.35 11.57
C PHE B 67 18.47 -26.85 11.81
N VAL B 68 18.82 -27.59 10.76
CA VAL B 68 18.98 -29.05 10.82
C VAL B 68 20.03 -29.48 11.86
N ALA B 69 21.14 -28.76 11.90
CA ALA B 69 22.22 -29.05 12.85
C ALA B 69 21.71 -29.00 14.29
N LYS B 70 20.74 -28.12 14.53
CA LYS B 70 20.13 -27.94 15.84
C LYS B 70 18.91 -28.83 16.11
N ALA B 71 18.07 -29.03 15.11
CA ALA B 71 16.81 -29.79 15.27
C ALA B 71 17.00 -31.30 15.39
N LEU B 72 18.10 -31.81 14.85
CA LEU B 72 18.40 -33.23 14.84
C LEU B 72 19.57 -33.56 15.76
N PRO B 73 19.62 -34.81 16.25
CA PRO B 73 20.75 -35.22 17.06
C PRO B 73 21.95 -35.36 16.15
N PRO B 74 23.16 -35.24 16.72
CA PRO B 74 24.36 -35.33 15.91
C PRO B 74 24.71 -36.73 15.46
N ALA B 75 25.55 -36.77 14.42
CA ALA B 75 26.01 -37.98 13.75
C ALA B 75 26.26 -39.21 14.57
N ASP B 76 27.24 -39.16 15.46
CA ASP B 76 27.64 -40.37 16.18
C ASP B 76 27.48 -40.25 17.67
N ASP B 77 26.25 -39.93 18.07
CA ASP B 77 25.92 -39.71 19.47
C ASP B 77 25.69 -40.94 20.31
N GLY B 78 25.80 -42.13 19.72
CA GLY B 78 25.58 -43.37 20.46
C GLY B 78 24.16 -43.57 20.94
N ARG B 79 23.20 -42.81 20.42
CA ARG B 79 21.80 -42.97 20.84
C ARG B 79 21.10 -44.04 20.02
N SER B 80 20.09 -44.67 20.62
CA SER B 80 19.29 -45.67 19.94
C SER B 80 18.34 -44.97 18.98
N PRO B 81 17.73 -45.72 18.06
CA PRO B 81 16.75 -45.12 17.15
C PRO B 81 15.66 -44.33 17.89
N ARG B 82 15.07 -44.96 18.90
CA ARG B 82 14.02 -44.32 19.69
C ARG B 82 14.52 -43.04 20.36
N GLU B 83 15.72 -43.11 20.90
CA GLU B 83 16.29 -41.94 21.56
C GLU B 83 16.49 -40.77 20.61
N ARG B 84 16.97 -41.07 19.39
CA ARG B 84 17.17 -40.06 18.36
C ARG B 84 15.84 -39.44 17.91
N ILE B 85 14.77 -40.23 17.84
CA ILE B 85 13.46 -39.68 17.48
C ILE B 85 12.96 -38.81 18.64
N LEU B 86 13.04 -39.29 19.89
CA LEU B 86 12.66 -38.50 21.06
C LEU B 86 13.44 -37.16 21.10
N TYR B 87 14.72 -37.19 20.76
CA TYR B 87 15.51 -35.95 20.74
C TYR B 87 14.85 -34.85 19.91
N VAL B 88 14.46 -35.20 18.68
CA VAL B 88 13.81 -34.26 17.80
C VAL B 88 12.59 -33.63 18.44
N PHE B 89 11.73 -34.46 19.03
CA PHE B 89 10.52 -33.93 19.68
C PHE B 89 10.78 -33.21 21.02
N GLU B 90 11.83 -33.57 21.75
CA GLU B 90 12.20 -32.84 22.97
C GLU B 90 12.49 -31.39 22.61
N ARG B 91 13.22 -31.18 21.53
CA ARG B 91 13.54 -29.83 21.03
C ARG B 91 12.29 -29.01 20.76
N VAL B 92 11.27 -29.65 20.19
CA VAL B 92 10.05 -28.94 19.88
C VAL B 92 9.31 -28.57 21.18
N GLU B 93 9.29 -29.47 22.13
CA GLU B 93 8.63 -29.19 23.40
C GLU B 93 9.32 -28.00 24.11
N SER B 94 10.65 -27.94 24.03
CA SER B 94 11.42 -26.85 24.65
C SER B 94 11.09 -25.55 23.97
N GLN B 95 11.21 -25.49 22.66
CA GLN B 95 10.87 -24.25 21.95
C GLN B 95 9.41 -23.84 22.18
N ALA B 96 8.53 -24.82 22.39
CA ALA B 96 7.12 -24.51 22.67
C ALA B 96 6.99 -23.61 23.89
N GLY B 97 7.95 -23.70 24.82
CA GLY B 97 8.00 -22.85 26.00
C GLY B 97 8.63 -21.47 25.73
N ALA B 98 9.34 -21.30 24.62
CA ALA B 98 9.97 -20.03 24.28
C ALA B 98 8.94 -18.96 23.88
N PRO B 99 9.14 -17.70 24.37
CA PRO B 99 8.16 -16.60 24.11
C PRO B 99 7.93 -16.26 22.63
N ASP B 100 9.00 -16.21 21.85
CA ASP B 100 8.92 -15.84 20.44
C ASP B 100 8.62 -17.00 19.51
N PHE B 101 8.35 -18.19 20.07
CA PHE B 101 8.07 -19.34 19.23
C PHE B 101 6.74 -19.18 18.47
N GLN B 102 6.81 -19.37 17.16
CA GLN B 102 5.64 -19.25 16.33
C GLN B 102 5.43 -20.48 15.46
N GLY B 103 5.89 -21.63 15.91
CA GLY B 103 5.66 -22.87 15.18
C GLY B 103 6.79 -23.20 14.26
N CYS B 104 6.53 -24.19 13.40
CA CYS B 104 7.47 -24.62 12.42
C CYS B 104 7.46 -23.61 11.29
N ARG B 105 8.66 -23.06 11.04
CA ARG B 105 8.89 -22.05 10.01
CA ARG B 105 8.89 -22.06 10.02
C ARG B 105 8.42 -22.55 8.65
N TYR B 106 8.73 -23.81 8.35
CA TYR B 106 8.46 -24.42 7.05
C TYR B 106 6.98 -24.74 6.79
N LEU B 107 6.33 -25.36 7.76
CA LEU B 107 4.90 -25.58 7.69
C LEU B 107 4.17 -24.24 7.50
N ALA B 108 4.55 -23.24 8.30
CA ALA B 108 3.91 -21.90 8.24
C ALA B 108 3.97 -21.28 6.84
N VAL B 109 5.14 -21.31 6.23
CA VAL B 109 5.30 -20.80 4.89
C VAL B 109 4.33 -21.43 3.91
N GLN B 110 4.24 -22.75 3.97
CA GLN B 110 3.39 -23.48 3.06
C GLN B 110 1.92 -23.18 3.28
N ILE B 111 1.48 -23.15 4.53
CA ILE B 111 0.10 -22.83 4.86
C ILE B 111 -0.23 -21.39 4.42
N GLU B 112 0.69 -20.46 4.66
CA GLU B 112 0.42 -19.06 4.35
C GLU B 112 0.40 -18.73 2.86
N LEU B 113 1.27 -19.37 2.07
CA LEU B 113 1.34 -19.06 0.66
C LEU B 113 0.22 -19.61 -0.18
N LYS B 114 -0.38 -20.74 0.22
CA LYS B 114 -1.45 -21.35 -0.53
C LYS B 114 -1.12 -21.50 -2.02
N ASP B 115 0.10 -21.95 -2.28
CA ASP B 115 0.60 -22.14 -3.63
C ASP B 115 1.83 -23.06 -3.57
N GLN B 116 1.57 -24.34 -3.81
CA GLN B 116 2.61 -25.36 -3.78
C GLN B 116 3.71 -25.16 -4.83
N ALA B 117 3.43 -24.39 -5.89
CA ALA B 117 4.44 -24.10 -6.90
C ALA B 117 5.30 -22.89 -6.53
N HIS B 118 4.90 -22.12 -5.53
CA HIS B 118 5.69 -20.96 -5.09
C HIS B 118 7.09 -21.44 -4.70
N PRO B 119 8.16 -20.75 -5.15
CA PRO B 119 9.51 -21.24 -4.86
C PRO B 119 9.85 -21.41 -3.39
N ALA B 120 9.33 -20.53 -2.52
CA ALA B 120 9.54 -20.67 -1.09
C ALA B 120 8.78 -21.89 -0.53
N SER B 121 7.58 -22.14 -1.03
CA SER B 121 6.80 -23.30 -0.60
CA SER B 121 6.81 -23.31 -0.58
C SER B 121 7.54 -24.59 -0.98
N ARG B 122 8.08 -24.61 -2.20
CA ARG B 122 8.81 -25.79 -2.69
C ARG B 122 10.04 -26.06 -1.82
N VAL B 123 10.77 -25.01 -1.47
CA VAL B 123 11.94 -25.17 -0.59
C VAL B 123 11.50 -25.70 0.79
N ALA B 124 10.44 -25.13 1.34
CA ALA B 124 9.93 -25.53 2.65
C ALA B 124 9.45 -27.00 2.65
N TYR B 125 8.77 -27.39 1.58
CA TYR B 125 8.31 -28.78 1.37
C TYR B 125 9.47 -29.76 1.36
N GLN B 126 10.56 -29.37 0.69
CA GLN B 126 11.72 -30.25 0.58
C GLN B 126 12.41 -30.38 1.93
N ILE B 127 12.54 -29.28 2.64
CA ILE B 127 13.14 -29.30 3.98
C ILE B 127 12.36 -30.26 4.90
N LYS B 128 11.04 -30.17 4.83
CA LYS B 128 10.17 -31.04 5.62
C LYS B 128 10.15 -32.48 5.12
N ALA B 129 10.38 -32.71 3.82
CA ALA B 129 10.51 -34.09 3.31
C ALA B 129 11.82 -34.70 3.85
N ASP B 130 12.87 -33.88 3.92
CA ASP B 130 14.14 -34.34 4.48
C ASP B 130 13.95 -34.77 5.96
N LEU B 131 13.17 -34.02 6.73
CA LEU B 131 12.92 -34.37 8.14
C LEU B 131 12.17 -35.71 8.20
N MSE B 132 11.24 -35.91 7.28
CA MSE B 132 10.49 -37.16 7.22
C MSE B 132 11.47 -38.30 6.85
O MSE B 132 11.37 -39.38 7.41
CB MSE B 132 9.30 -37.09 6.25
CG MSE B 132 8.41 -38.32 6.34
SE MSE B 132 6.79 -38.27 5.22
CE MSE B 132 7.58 -37.68 3.52
N ALA B 133 12.43 -38.03 5.95
CA ALA B 133 13.46 -39.03 5.59
C ALA B 133 14.31 -39.42 6.81
N PHE B 134 14.55 -38.46 7.70
CA PHE B 134 15.26 -38.76 8.94
C PHE B 134 14.45 -39.76 9.77
N PHE B 135 13.16 -39.48 9.98
CA PHE B 135 12.34 -40.39 10.76
C PHE B 135 12.27 -41.77 10.12
N ARG B 136 12.16 -41.79 8.79
CA ARG B 136 12.10 -43.03 8.03
C ARG B 136 13.35 -43.85 8.28
N SER B 137 14.50 -43.20 8.19
CA SER B 137 15.79 -43.87 8.40
C SER B 137 15.90 -44.43 9.81
N GLU B 138 15.58 -43.62 10.82
CA GLU B 138 15.62 -44.11 12.21
C GLU B 138 14.59 -45.22 12.48
N ALA B 139 13.42 -45.13 11.84
CA ALA B 139 12.40 -46.17 11.96
C ALA B 139 12.95 -47.47 11.44
N GLU B 140 13.55 -47.43 10.27
CA GLU B 140 14.09 -48.63 9.69
C GLU B 140 15.27 -49.15 10.53
N ARG B 141 16.10 -48.24 11.04
CA ARG B 141 17.24 -48.66 11.84
C ARG B 141 16.75 -49.23 13.16
N GLY B 142 15.63 -48.71 13.66
CA GLY B 142 15.01 -49.23 14.90
C GLY B 142 14.17 -50.49 14.78
N GLY B 143 14.09 -51.04 13.56
CA GLY B 143 13.33 -52.24 13.30
C GLY B 143 11.83 -52.03 13.27
N ALA B 144 11.36 -50.88 12.80
CA ALA B 144 9.93 -50.59 12.75
C ALA B 144 9.19 -51.55 11.84
N SER B 145 8.00 -51.97 12.26
CA SER B 145 7.15 -52.83 11.46
C SER B 145 6.92 -52.30 10.03
N ASP B 146 6.61 -51.01 9.93
CA ASP B 146 6.33 -50.32 8.66
C ASP B 146 6.91 -48.93 8.83
N PRO B 147 8.19 -48.74 8.46
CA PRO B 147 8.91 -47.49 8.61
C PRO B 147 8.29 -46.30 7.90
N ASP B 148 7.72 -46.53 6.72
CA ASP B 148 7.03 -45.48 5.95
C ASP B 148 5.85 -44.97 6.73
N LEU B 149 5.05 -45.90 7.25
CA LEU B 149 3.90 -45.56 8.03
C LEU B 149 4.36 -44.80 9.24
N LEU B 150 5.35 -45.32 9.97
CA LEU B 150 5.82 -44.62 11.17
C LEU B 150 6.36 -43.23 10.83
N ALA B 151 7.03 -43.11 9.70
CA ALA B 151 7.61 -41.83 9.29
C ALA B 151 6.52 -40.81 9.04
N ARG B 152 5.48 -41.25 8.34
CA ARG B 152 4.34 -40.40 8.06
C ARG B 152 3.68 -40.00 9.38
N GLN B 153 3.59 -40.94 10.31
CA GLN B 153 3.01 -40.63 11.62
C GLN B 153 3.81 -39.61 12.39
N LEU B 154 5.12 -39.86 12.52
CA LEU B 154 6.01 -38.94 13.24
C LEU B 154 5.99 -37.51 12.69
N ILE B 155 6.05 -37.37 11.37
CA ILE B 155 6.05 -36.04 10.75
C ILE B 155 4.67 -35.40 10.94
N LEU B 156 3.60 -36.20 10.96
CA LEU B 156 2.25 -35.67 11.23
C LEU B 156 2.19 -35.11 12.66
N VAL B 157 2.75 -35.85 13.62
CA VAL B 157 2.78 -35.39 15.00
C VAL B 157 3.70 -34.15 15.14
N PHE B 158 4.82 -34.15 14.43
CA PHE B 158 5.74 -33.01 14.46
C PHE B 158 4.98 -31.75 14.03
N ASP B 159 4.22 -31.88 12.94
CA ASP B 159 3.48 -30.77 12.39
C ASP B 159 2.32 -30.35 13.26
N GLY B 160 1.57 -31.31 13.79
CA GLY B 160 0.49 -30.99 14.69
C GLY B 160 1.01 -30.31 15.94
N ALA B 161 2.07 -30.87 16.54
CA ALA B 161 2.64 -30.33 17.77
C ALA B 161 3.18 -28.91 17.53
N SER B 162 3.93 -28.73 16.43
CA SER B 162 4.52 -27.41 16.08
C SER B 162 3.43 -26.36 15.81
N ALA B 163 2.38 -26.76 15.08
CA ALA B 163 1.28 -25.83 14.74
C ALA B 163 0.47 -25.40 15.99
N ARG B 164 0.12 -26.36 16.85
CA ARG B 164 -0.63 -26.04 18.04
C ARG B 164 0.18 -25.25 19.06
N ALA B 165 1.46 -25.58 19.20
CA ALA B 165 2.34 -24.84 20.11
C ALA B 165 2.54 -23.45 19.56
N GLY B 166 2.75 -23.36 18.25
CA GLY B 166 2.98 -22.09 17.56
C GLY B 166 1.86 -21.05 17.67
N ILE B 167 0.62 -21.52 17.77
CA ILE B 167 -0.51 -20.61 17.86
C ILE B 167 -0.99 -20.48 19.27
N GLY B 168 -0.32 -21.15 20.21
CA GLY B 168 -0.66 -21.06 21.62
C GLY B 168 -1.83 -21.91 22.05
N ALA B 169 -2.19 -22.94 21.29
CA ALA B 169 -3.30 -23.84 21.64
C ALA B 169 -2.88 -24.97 22.60
N ASP B 170 -1.61 -25.34 22.60
CA ASP B 170 -1.12 -26.40 23.48
C ASP B 170 0.38 -26.24 23.67
N ASN B 171 0.81 -26.19 24.93
CA ASN B 171 2.25 -26.04 25.22
C ASN B 171 3.02 -27.37 25.14
N LEU B 172 2.32 -28.47 24.91
CA LEU B 172 2.92 -29.80 24.70
C LEU B 172 3.38 -30.51 25.96
N THR B 173 3.28 -29.85 27.11
CA THR B 173 3.71 -30.42 28.38
CA THR B 173 3.71 -30.42 28.38
C THR B 173 2.91 -31.69 28.68
N GLY B 174 3.63 -32.80 28.88
CA GLY B 174 2.99 -34.09 29.19
C GLY B 174 2.25 -34.73 28.02
N LEU B 175 2.46 -34.22 26.80
CA LEU B 175 1.72 -34.72 25.65
C LEU B 175 2.56 -35.46 24.64
N ILE B 176 3.77 -34.97 24.41
CA ILE B 176 4.65 -35.50 23.37
C ILE B 176 5.26 -36.85 23.68
N VAL B 177 5.84 -37.00 24.87
CA VAL B 177 6.47 -38.25 25.23
C VAL B 177 5.51 -39.41 25.20
N PRO B 178 4.36 -39.30 25.89
CA PRO B 178 3.42 -40.42 25.83
C PRO B 178 2.92 -40.71 24.41
N THR B 179 2.72 -39.67 23.60
CA THR B 179 2.23 -39.87 22.24
C THR B 179 3.27 -40.65 21.43
N LEU B 180 4.52 -40.19 21.49
CA LEU B 180 5.64 -40.86 20.81
C LEU B 180 5.83 -42.27 21.29
N THR B 181 5.85 -42.45 22.61
CA THR B 181 6.00 -43.78 23.19
C THR B 181 4.96 -44.73 22.63
N THR B 182 3.71 -44.29 22.55
CA THR B 182 2.62 -45.09 21.99
C THR B 182 2.82 -45.42 20.50
N LEU B 183 3.20 -44.44 19.68
CA LEU B 183 3.43 -44.70 18.26
C LEU B 183 4.64 -45.64 18.04
N LEU B 184 5.70 -45.44 18.81
CA LEU B 184 6.91 -46.24 18.67
C LEU B 184 6.69 -47.67 19.17
N ASP B 185 5.98 -47.84 20.28
CA ASP B 185 5.64 -49.18 20.76
C ASP B 185 4.76 -49.89 19.74
N ALA B 186 3.80 -49.17 19.16
CA ALA B 186 2.88 -49.73 18.17
C ALA B 186 3.63 -50.17 16.89
N ALA B 187 4.74 -49.52 16.58
CA ALA B 187 5.57 -49.89 15.44
C ALA B 187 6.54 -51.05 15.75
N ASP B 188 6.52 -51.58 16.96
CA ASP B 188 7.42 -52.66 17.41
C ASP B 188 8.89 -52.20 17.51
N MSE B 189 9.11 -50.92 17.76
CA MSE B 189 10.47 -50.39 17.89
C MSE B 189 11.13 -51.05 19.09
O MSE B 189 10.65 -50.90 20.22
CB MSE B 189 10.46 -48.87 18.13
CG MSE B 189 9.98 -48.01 16.99
SE MSE B 189 11.33 -47.46 15.69
CE MSE B 189 12.47 -46.27 16.75
N HIS B 190 12.21 -51.76 18.86
CA HIS B 190 12.96 -52.41 19.93
C HIS B 190 13.63 -51.33 20.81
N GLN C 8 12.97 -0.12 -29.53
CA GLN C 8 13.65 0.71 -28.47
C GLN C 8 13.89 -0.12 -27.21
N SER C 9 14.98 0.22 -26.53
CA SER C 9 15.45 -0.52 -25.36
C SER C 9 14.53 -0.42 -24.15
N PRO C 10 14.66 -1.35 -23.18
CA PRO C 10 13.90 -1.32 -21.94
C PRO C 10 14.00 0.04 -21.25
N ARG C 11 15.20 0.61 -21.26
CA ARG C 11 15.43 1.92 -20.68
C ARG C 11 14.58 2.99 -21.38
N GLU C 12 14.56 2.96 -22.72
CA GLU C 12 13.76 3.95 -23.45
C GLU C 12 12.28 3.79 -23.19
N ARG C 13 11.80 2.56 -23.15
CA ARG C 13 10.40 2.29 -22.86
C ARG C 13 10.00 2.78 -21.46
N LEU C 14 10.95 2.74 -20.52
CA LEU C 14 10.71 3.27 -19.17
C LEU C 14 10.66 4.79 -19.17
N LEU C 15 11.65 5.45 -19.80
CA LEU C 15 11.69 6.92 -19.85
C LEU C 15 10.41 7.47 -20.51
N GLU C 16 9.97 6.77 -21.57
CA GLU C 16 8.73 7.10 -22.29
C GLU C 16 7.51 6.93 -21.39
N ALA C 17 7.40 5.77 -20.74
CA ALA C 17 6.30 5.49 -19.80
C ALA C 17 6.23 6.52 -18.65
N ALA C 18 7.38 6.88 -18.11
CA ALA C 18 7.44 7.86 -17.02
C ALA C 18 6.93 9.22 -17.48
N ALA C 19 7.45 9.70 -18.62
CA ALA C 19 7.07 11.00 -19.16
C ALA C 19 5.58 11.04 -19.50
N ALA C 20 5.08 9.99 -20.14
CA ALA C 20 3.68 9.94 -20.50
C ALA C 20 2.79 9.89 -19.26
N LEU C 21 2.86 8.79 -18.51
CA LEU C 21 1.97 8.58 -17.36
C LEU C 21 2.00 9.65 -16.27
N THR C 22 3.15 10.26 -16.00
CA THR C 22 3.20 11.28 -14.95
C THR C 22 2.57 12.62 -15.39
N TYR C 23 2.67 12.95 -16.67
CA TYR C 23 2.07 14.18 -17.18
C TYR C 23 0.55 14.04 -17.22
N ARG C 24 0.10 12.85 -17.58
CA ARG C 24 -1.33 12.60 -17.68
C ARG C 24 -1.96 12.25 -16.32
N ASP C 25 -1.40 11.26 -15.60
CA ASP C 25 -1.97 10.82 -14.29
C ASP C 25 -1.30 11.34 -13.04
N GLY C 26 -0.24 12.13 -13.20
CA GLY C 26 0.47 12.66 -12.04
C GLY C 26 1.70 11.87 -11.60
N VAL C 27 2.56 12.55 -10.85
CA VAL C 27 3.80 11.98 -10.37
C VAL C 27 3.63 10.82 -9.40
N GLY C 28 2.43 10.62 -8.86
CA GLY C 28 2.16 9.55 -7.93
C GLY C 28 2.00 8.13 -8.49
N ILE C 29 2.07 7.95 -9.81
CA ILE C 29 1.93 6.59 -10.36
C ILE C 29 3.02 5.66 -9.79
N GLY C 30 2.66 4.41 -9.55
CA GLY C 30 3.56 3.47 -8.91
C GLY C 30 4.50 2.73 -9.83
N VAL C 31 5.47 2.07 -9.22
CA VAL C 31 6.43 1.27 -9.97
C VAL C 31 5.76 0.19 -10.81
N GLU C 32 4.74 -0.47 -10.25
CA GLU C 32 4.00 -1.51 -10.96
C GLU C 32 3.39 -1.00 -12.27
N ALA C 33 2.65 0.11 -12.17
CA ALA C 33 2.02 0.74 -13.33
C ALA C 33 3.04 1.20 -14.37
N LEU C 34 4.16 1.71 -13.89
CA LEU C 34 5.21 2.24 -14.74
C LEU C 34 5.85 1.08 -15.50
N CYS C 35 6.13 -0.01 -14.80
CA CYS C 35 6.73 -1.20 -15.42
C CYS C 35 5.77 -1.92 -16.37
N LYS C 36 4.51 -2.05 -15.97
CA LYS C 36 3.50 -2.66 -16.84
C LYS C 36 3.40 -1.86 -18.14
N ALA C 37 3.41 -0.54 -18.05
CA ALA C 37 3.33 0.32 -19.24
C ALA C 37 4.54 0.14 -20.17
N ALA C 38 5.73 0.08 -19.58
CA ALA C 38 6.98 -0.03 -20.31
C ALA C 38 7.26 -1.44 -20.82
N GLY C 39 6.56 -2.43 -20.27
CA GLY C 39 6.75 -3.83 -20.62
C GLY C 39 8.04 -4.42 -20.07
N VAL C 40 8.45 -4.01 -18.88
CA VAL C 40 9.70 -4.47 -18.30
C VAL C 40 9.45 -4.92 -16.88
N SER C 41 10.39 -5.68 -16.33
CA SER C 41 10.23 -6.18 -14.96
C SER C 41 10.75 -5.11 -13.99
N LYS C 42 10.32 -5.22 -12.74
CA LYS C 42 10.81 -4.35 -11.69
C LYS C 42 12.31 -4.52 -11.59
N ARG C 43 12.80 -5.75 -11.74
CA ARG C 43 14.22 -5.94 -11.71
C ARG C 43 14.90 -5.10 -12.76
N SER C 44 14.42 -5.14 -14.00
CA SER C 44 15.03 -4.35 -15.07
C SER C 44 15.04 -2.86 -14.76
N MSE C 45 13.98 -2.36 -14.13
CA MSE C 45 13.93 -0.96 -13.82
C MSE C 45 15.04 -0.57 -12.84
O MSE C 45 15.72 0.42 -13.05
CB MSE C 45 12.62 -0.55 -13.19
CG MSE C 45 12.49 0.95 -13.17
SE MSE C 45 11.10 1.52 -12.00
CE MSE C 45 11.92 1.25 -10.22
N TYR C 46 15.18 -1.36 -11.77
CA TYR C 46 16.22 -1.09 -10.78
C TYR C 46 17.61 -1.35 -11.34
N GLN C 47 17.76 -2.31 -12.24
CA GLN C 47 19.07 -2.48 -12.87
C GLN C 47 19.47 -1.20 -13.63
N LEU C 48 18.48 -0.51 -14.20
CA LEU C 48 18.73 0.71 -14.97
C LEU C 48 18.71 2.02 -14.18
N PHE C 49 17.86 2.11 -13.16
CA PHE C 49 17.69 3.33 -12.38
C PHE C 49 17.76 3.06 -10.91
N GLU C 50 18.20 4.06 -10.16
CA GLU C 50 18.32 3.92 -8.71
C GLU C 50 16.98 3.78 -8.07
N SER C 51 15.99 4.47 -8.63
CA SER C 51 14.64 4.58 -8.08
C SER C 51 13.69 5.20 -9.09
N LYS C 52 12.40 5.18 -8.78
CA LYS C 52 11.38 5.79 -9.60
C LYS C 52 11.60 7.31 -9.69
N ASP C 53 12.01 7.93 -8.59
CA ASP C 53 12.31 9.36 -8.59
C ASP C 53 13.37 9.68 -9.62
N GLU C 54 14.46 8.90 -9.63
CA GLU C 54 15.50 9.13 -10.59
C GLU C 54 15.05 8.78 -12.00
N LEU C 55 14.12 7.84 -12.14
CA LEU C 55 13.59 7.52 -13.46
C LEU C 55 12.83 8.75 -13.99
N LEU C 56 11.98 9.36 -13.17
CA LEU C 56 11.24 10.52 -13.61
C LEU C 56 12.18 11.67 -13.91
N ALA C 57 13.22 11.85 -13.09
CA ALA C 57 14.18 12.91 -13.32
C ALA C 57 14.85 12.72 -14.67
N ALA C 58 15.32 11.51 -14.94
CA ALA C 58 15.97 11.20 -16.22
C ALA C 58 15.03 11.45 -17.40
N SER C 59 13.77 11.07 -17.24
CA SER C 59 12.75 11.26 -18.27
C SER C 59 12.58 12.76 -18.57
N LEU C 60 12.51 13.60 -17.55
CA LEU C 60 12.37 15.03 -17.80
C LEU C 60 13.62 15.59 -18.48
N LYS C 61 14.77 15.30 -17.90
CA LYS C 61 16.03 15.81 -18.38
C LYS C 61 16.34 15.40 -19.81
N GLU C 62 16.14 14.14 -20.15
CA GLU C 62 16.51 13.68 -21.48
C GLU C 62 15.51 14.04 -22.57
N ARG C 63 14.36 14.56 -22.21
CA ARG C 63 13.39 14.95 -23.21
C ARG C 63 13.28 16.46 -23.31
N SER C 64 13.99 17.19 -22.47
CA SER C 64 13.88 18.65 -22.46
C SER C 64 14.36 19.28 -23.77
N ALA C 65 15.49 18.82 -24.32
CA ALA C 65 16.05 19.36 -25.58
C ALA C 65 15.01 19.49 -26.69
N ALA C 66 14.25 18.42 -26.92
CA ALA C 66 13.19 18.41 -27.93
C ALA C 66 12.06 19.41 -27.58
N PHE C 67 11.71 19.49 -26.29
CA PHE C 67 10.71 20.47 -25.82
C PHE C 67 11.15 21.91 -26.11
N VAL C 68 12.33 22.25 -25.62
CA VAL C 68 12.89 23.58 -25.76
C VAL C 68 13.00 23.97 -27.23
N ALA C 69 13.45 23.03 -28.08
CA ALA C 69 13.54 23.28 -29.50
C ALA C 69 12.19 23.71 -30.06
N LYS C 70 11.10 23.17 -29.54
CA LYS C 70 9.78 23.57 -30.00
C LYS C 70 9.22 24.78 -29.27
N ALA C 71 9.47 24.89 -27.98
CA ALA C 71 8.93 26.00 -27.19
C ALA C 71 9.55 27.38 -27.55
N LEU C 72 10.81 27.38 -27.96
CA LEU C 72 11.49 28.60 -28.28
C LEU C 72 11.64 28.77 -29.79
N PRO C 73 11.74 30.02 -30.27
CA PRO C 73 11.98 30.22 -31.71
C PRO C 73 13.44 29.88 -32.02
N PRO C 74 13.73 29.51 -33.28
CA PRO C 74 15.10 29.14 -33.66
C PRO C 74 16.08 30.30 -33.55
N ALA C 75 17.35 29.97 -33.36
CA ALA C 75 18.44 30.93 -33.19
C ALA C 75 18.68 31.96 -34.31
N ASP C 76 18.38 31.58 -35.54
CA ASP C 76 18.69 32.43 -36.70
C ASP C 76 17.48 33.09 -37.34
N ASP C 77 16.38 33.19 -36.60
CA ASP C 77 15.11 33.60 -37.21
C ASP C 77 14.89 35.03 -37.68
N GLY C 78 15.81 35.95 -37.39
CA GLY C 78 15.63 37.36 -37.77
C GLY C 78 14.57 38.12 -37.00
N ARG C 79 13.95 37.48 -36.01
CA ARG C 79 12.94 38.13 -35.21
C ARG C 79 13.58 39.07 -34.20
N SER C 80 12.85 40.14 -33.87
CA SER C 80 13.28 41.09 -32.85
C SER C 80 13.05 40.49 -31.45
N PRO C 81 13.59 41.13 -30.42
CA PRO C 81 13.32 40.66 -29.05
C PRO C 81 11.82 40.52 -28.73
N ARG C 82 11.03 41.55 -29.03
CA ARG C 82 9.60 41.46 -28.76
C ARG C 82 8.94 40.29 -29.52
N GLU C 83 9.29 40.10 -30.79
CA GLU C 83 8.74 38.99 -31.59
C GLU C 83 9.12 37.60 -31.07
N ARG C 84 10.33 37.47 -30.54
CA ARG C 84 10.78 36.18 -30.02
C ARG C 84 10.06 35.83 -28.72
N ILE C 85 9.82 36.83 -27.90
CA ILE C 85 9.09 36.65 -26.66
C ILE C 85 7.67 36.30 -27.01
N LEU C 86 7.09 36.99 -27.98
CA LEU C 86 5.71 36.71 -28.39
C LEU C 86 5.56 35.30 -28.95
N TYR C 87 6.55 34.83 -29.70
CA TYR C 87 6.54 33.48 -30.28
C TYR C 87 6.34 32.41 -29.21
N VAL C 88 6.99 32.58 -28.05
CA VAL C 88 6.91 31.64 -26.93
C VAL C 88 5.50 31.60 -26.35
N PHE C 89 4.90 32.77 -26.13
CA PHE C 89 3.54 32.82 -25.59
C PHE C 89 2.48 32.42 -26.63
N GLU C 90 2.76 32.65 -27.90
CA GLU C 90 1.79 32.27 -28.92
C GLU C 90 1.55 30.75 -28.88
N ARG C 91 2.61 29.98 -28.69
CA ARG C 91 2.53 28.52 -28.61
C ARG C 91 1.78 28.04 -27.39
N VAL C 92 1.97 28.70 -26.25
CA VAL C 92 1.23 28.35 -25.05
C VAL C 92 -0.23 28.56 -25.37
N GLU C 93 -0.55 29.69 -25.99
CA GLU C 93 -1.94 29.96 -26.35
C GLU C 93 -2.45 28.90 -27.33
N SER C 94 -1.62 28.48 -28.27
CA SER C 94 -2.02 27.47 -29.25
C SER C 94 -2.28 26.13 -28.61
N GLN C 95 -1.40 25.75 -27.70
CA GLN C 95 -1.55 24.49 -27.00
C GLN C 95 -2.69 24.51 -25.99
N ALA C 96 -3.10 25.69 -25.52
CA ALA C 96 -4.25 25.82 -24.63
C ALA C 96 -5.52 25.27 -25.29
N GLY C 97 -5.60 25.32 -26.62
CA GLY C 97 -6.72 24.74 -27.36
C GLY C 97 -6.70 23.20 -27.40
N ALA C 98 -5.52 22.60 -27.25
CA ALA C 98 -5.35 21.13 -27.28
C ALA C 98 -6.14 20.39 -26.19
N PRO C 99 -7.02 19.44 -26.59
CA PRO C 99 -7.83 18.70 -25.62
C PRO C 99 -6.99 17.94 -24.60
N ASP C 100 -5.78 17.56 -25.00
CA ASP C 100 -4.84 16.87 -24.14
C ASP C 100 -4.05 17.81 -23.22
N PHE C 101 -4.15 19.13 -23.43
CA PHE C 101 -3.34 20.11 -22.67
C PHE C 101 -3.53 20.09 -21.17
N GLN C 102 -2.45 19.80 -20.45
CA GLN C 102 -2.48 19.83 -18.99
C GLN C 102 -1.48 20.78 -18.36
N GLY C 103 -1.17 21.85 -19.08
CA GLY C 103 -0.33 22.89 -18.55
C GLY C 103 1.11 22.61 -18.78
N CYS C 104 1.94 23.32 -18.04
CA CYS C 104 3.34 23.18 -18.14
C CYS C 104 3.72 21.98 -17.32
N ARG C 105 4.34 21.01 -17.98
CA ARG C 105 4.69 19.77 -17.32
C ARG C 105 5.70 19.99 -16.19
N TYR C 106 6.57 20.99 -16.35
CA TYR C 106 7.61 21.24 -15.37
C TYR C 106 7.05 21.94 -14.17
N LEU C 107 6.13 22.88 -14.41
CA LEU C 107 5.50 23.59 -13.31
C LEU C 107 4.73 22.54 -12.55
N ALA C 108 4.00 21.68 -13.27
CA ALA C 108 3.15 20.64 -12.63
C ALA C 108 3.95 19.67 -11.76
N VAL C 109 5.10 19.20 -12.25
CA VAL C 109 5.92 18.30 -11.45
C VAL C 109 6.30 18.92 -10.12
N GLN C 110 6.68 20.19 -10.14
CA GLN C 110 7.13 20.86 -8.95
C GLN C 110 5.98 21.03 -7.98
N ILE C 111 4.83 21.43 -8.51
CA ILE C 111 3.65 21.61 -7.67
C ILE C 111 3.21 20.30 -7.04
N GLU C 112 3.20 19.24 -7.85
CA GLU C 112 2.77 17.94 -7.34
C GLU C 112 3.73 17.28 -6.35
N LEU C 113 5.04 17.39 -6.57
CA LEU C 113 6.04 16.75 -5.68
C LEU C 113 6.23 17.43 -4.31
N LYS C 114 5.98 18.72 -4.23
CA LYS C 114 6.13 19.47 -2.99
C LYS C 114 7.45 19.18 -2.27
N ASP C 115 8.55 19.18 -3.02
CA ASP C 115 9.87 18.88 -2.45
C ASP C 115 10.91 19.36 -3.45
N GLN C 116 11.45 20.52 -3.16
CA GLN C 116 12.42 21.17 -4.02
C GLN C 116 13.71 20.35 -4.13
N ALA C 117 14.00 19.51 -3.13
CA ALA C 117 15.20 18.65 -3.14
C ALA C 117 15.00 17.42 -4.00
N HIS C 118 13.76 17.10 -4.36
CA HIS C 118 13.47 15.93 -5.16
C HIS C 118 14.15 16.00 -6.52
N PRO C 119 14.81 14.90 -6.96
CA PRO C 119 15.54 14.99 -8.24
C PRO C 119 14.76 15.46 -9.45
N ALA C 120 13.55 14.96 -9.61
CA ALA C 120 12.68 15.39 -10.70
C ALA C 120 12.32 16.89 -10.60
N SER C 121 12.10 17.37 -9.38
CA SER C 121 11.76 18.76 -9.13
CA SER C 121 11.76 18.76 -9.14
C SER C 121 12.95 19.67 -9.47
N ARG C 122 14.17 19.21 -9.18
CA ARG C 122 15.39 19.98 -9.48
C ARG C 122 15.59 20.10 -10.99
N VAL C 123 15.27 19.03 -11.72
CA VAL C 123 15.38 19.05 -13.18
C VAL C 123 14.32 20.00 -13.77
N ALA C 124 13.08 19.86 -13.32
CA ALA C 124 12.00 20.74 -13.75
C ALA C 124 12.38 22.20 -13.47
N TYR C 125 12.89 22.47 -12.28
CA TYR C 125 13.26 23.82 -11.84
C TYR C 125 14.31 24.44 -12.75
N GLN C 126 15.36 23.68 -13.04
CA GLN C 126 16.42 24.14 -13.93
C GLN C 126 15.91 24.43 -15.35
N ILE C 127 15.06 23.56 -15.88
CA ILE C 127 14.50 23.76 -17.20
C ILE C 127 13.71 25.08 -17.21
N LYS C 128 12.92 25.30 -16.17
CA LYS C 128 12.17 26.54 -16.09
C LYS C 128 13.07 27.75 -15.82
N ALA C 129 14.19 27.54 -15.12
CA ALA C 129 15.19 28.62 -14.89
C ALA C 129 15.78 29.02 -16.25
N ASP C 130 16.07 28.02 -17.07
CA ASP C 130 16.56 28.23 -18.41
C ASP C 130 15.56 29.05 -19.26
N LEU C 131 14.26 28.77 -19.12
CA LEU C 131 13.25 29.52 -19.90
C LEU C 131 13.28 30.99 -19.50
N MSE C 132 13.37 31.25 -18.19
CA MSE C 132 13.50 32.60 -17.68
C MSE C 132 14.76 33.27 -18.25
O MSE C 132 14.72 34.47 -18.54
CB MSE C 132 13.49 32.61 -16.13
CG MSE C 132 13.60 34.01 -15.55
SE MSE C 132 13.24 34.10 -13.65
CE MSE C 132 14.42 32.68 -13.01
N ALA C 133 15.83 32.50 -18.43
CA ALA C 133 17.09 33.02 -18.99
C ALA C 133 16.91 33.45 -20.44
N PHE C 134 16.07 32.73 -21.17
CA PHE C 134 15.75 33.13 -22.52
C PHE C 134 15.05 34.49 -22.46
N PHE C 135 14.09 34.63 -21.55
CA PHE C 135 13.40 35.89 -21.42
C PHE C 135 14.38 37.01 -21.00
N ARG C 136 15.23 36.75 -20.03
CA ARG C 136 16.21 37.74 -19.57
C ARG C 136 17.08 38.21 -20.73
N SER C 137 17.56 37.24 -21.51
CA SER C 137 18.40 37.48 -22.68
C SER C 137 17.68 38.39 -23.70
N GLU C 138 16.42 38.09 -24.02
CA GLU C 138 15.68 38.93 -24.94
C GLU C 138 15.39 40.32 -24.33
N ALA C 139 15.14 40.40 -23.03
CA ALA C 139 14.87 41.68 -22.39
C ALA C 139 16.08 42.59 -22.60
N GLU C 140 17.26 42.09 -22.27
CA GLU C 140 18.46 42.91 -22.41
C GLU C 140 18.72 43.28 -23.89
N ARG C 141 18.41 42.36 -24.80
CA ARG C 141 18.62 42.58 -26.19
C ARG C 141 17.73 43.71 -26.67
N GLY C 142 16.51 43.79 -26.13
CA GLY C 142 15.55 44.83 -26.49
C GLY C 142 15.66 46.14 -25.71
N GLY C 143 16.65 46.25 -24.82
CA GLY C 143 16.86 47.46 -24.06
C GLY C 143 15.86 47.71 -22.94
N ALA C 144 15.34 46.62 -22.35
CA ALA C 144 14.43 46.71 -21.23
C ALA C 144 15.03 47.59 -20.14
N SER C 145 14.21 48.44 -19.55
CA SER C 145 14.66 49.30 -18.46
C SER C 145 15.24 48.45 -17.34
N ASP C 146 14.60 47.31 -17.03
CA ASP C 146 15.02 46.44 -15.94
C ASP C 146 14.87 44.99 -16.42
N PRO C 147 15.90 44.45 -17.06
CA PRO C 147 15.77 43.11 -17.63
C PRO C 147 15.40 42.02 -16.65
N ASP C 148 15.99 42.03 -15.45
CA ASP C 148 15.68 41.02 -14.43
CA ASP C 148 15.66 41.00 -14.46
C ASP C 148 14.19 41.09 -14.06
N LEU C 149 13.69 42.30 -13.86
CA LEU C 149 12.29 42.44 -13.51
C LEU C 149 11.39 41.90 -14.64
N LEU C 150 11.65 42.32 -15.88
CA LEU C 150 10.82 41.85 -17.02
C LEU C 150 10.89 40.32 -17.15
N ALA C 151 12.07 39.73 -16.98
CA ALA C 151 12.22 38.27 -17.09
C ALA C 151 11.31 37.56 -16.10
N ARG C 152 11.30 38.06 -14.86
CA ARG C 152 10.48 37.52 -13.77
C ARG C 152 8.99 37.69 -14.03
N GLN C 153 8.62 38.78 -14.68
CA GLN C 153 7.22 39.04 -15.04
C GLN C 153 6.80 38.07 -16.14
N LEU C 154 7.65 37.94 -17.13
CA LEU C 154 7.37 37.06 -18.24
C LEU C 154 7.21 35.61 -17.80
N ILE C 155 8.13 35.10 -17.00
CA ILE C 155 8.04 33.71 -16.54
C ILE C 155 6.84 33.55 -15.64
N LEU C 156 6.49 34.60 -14.89
CA LEU C 156 5.31 34.55 -14.03
C LEU C 156 4.03 34.44 -14.86
N VAL C 157 3.92 35.23 -15.93
CA VAL C 157 2.75 35.13 -16.80
C VAL C 157 2.75 33.79 -17.55
N PHE C 158 3.92 33.30 -17.92
CA PHE C 158 4.02 31.98 -18.55
C PHE C 158 3.45 30.89 -17.63
N ASP C 159 3.83 30.94 -16.35
CA ASP C 159 3.35 29.95 -15.39
C ASP C 159 1.89 30.13 -15.04
N GLY C 160 1.49 31.37 -14.84
CA GLY C 160 0.09 31.69 -14.60
C GLY C 160 -0.81 31.27 -15.75
N ALA C 161 -0.39 31.58 -16.98
CA ALA C 161 -1.18 31.23 -18.16
C ALA C 161 -1.26 29.71 -18.30
N SER C 162 -0.12 29.04 -18.18
CA SER C 162 -0.04 27.56 -18.31
C SER C 162 -0.89 26.85 -17.25
N ALA C 163 -0.84 27.32 -16.02
CA ALA C 163 -1.60 26.70 -14.93
C ALA C 163 -3.12 26.80 -15.16
N ARG C 164 -3.57 28.00 -15.53
CA ARG C 164 -5.00 28.26 -15.75
C ARG C 164 -5.55 27.59 -17.00
N ALA C 165 -4.73 27.46 -18.02
CA ALA C 165 -5.16 26.78 -19.24
C ALA C 165 -5.15 25.28 -18.97
N GLY C 166 -4.18 24.83 -18.18
CA GLY C 166 -4.06 23.42 -17.87
C GLY C 166 -5.21 22.86 -17.03
N ILE C 167 -5.86 23.71 -16.26
CA ILE C 167 -6.95 23.26 -15.40
C ILE C 167 -8.32 23.63 -15.98
N GLY C 168 -8.32 24.27 -17.15
CA GLY C 168 -9.57 24.67 -17.78
C GLY C 168 -10.16 25.95 -17.20
N ALA C 169 -9.40 26.70 -16.42
CA ALA C 169 -9.90 27.96 -15.87
C ALA C 169 -9.89 29.10 -16.87
N ASP C 170 -9.00 29.05 -17.85
CA ASP C 170 -8.94 30.12 -18.86
C ASP C 170 -8.25 29.56 -20.09
N ASN C 171 -8.85 29.75 -21.27
CA ASN C 171 -8.25 29.27 -22.52
C ASN C 171 -7.29 30.29 -23.19
N LEU C 172 -7.06 31.43 -22.53
CA LEU C 172 -6.08 32.44 -22.93
C LEU C 172 -6.40 33.32 -24.16
N THR C 173 -7.40 32.94 -24.94
CA THR C 173 -7.76 33.71 -26.13
C THR C 173 -8.11 35.16 -25.72
N GLY C 174 -7.43 36.12 -26.35
CA GLY C 174 -7.63 37.53 -26.05
C GLY C 174 -6.95 38.03 -24.78
N LEU C 175 -6.17 37.18 -24.11
CA LEU C 175 -5.56 37.56 -22.82
C LEU C 175 -4.04 37.77 -22.89
N ILE C 176 -3.38 36.99 -23.73
CA ILE C 176 -1.92 37.01 -23.76
C ILE C 176 -1.29 38.22 -24.42
N VAL C 177 -1.61 38.43 -25.68
CA VAL C 177 -1.01 39.52 -26.44
C VAL C 177 -1.21 40.87 -25.73
N PRO C 178 -2.47 41.19 -25.32
CA PRO C 178 -2.59 42.47 -24.60
C PRO C 178 -1.75 42.51 -23.30
N THR C 179 -1.67 41.40 -22.57
CA THR C 179 -0.89 41.37 -21.34
C THR C 179 0.62 41.56 -21.63
N LEU C 180 1.12 40.86 -22.65
CA LEU C 180 2.53 40.97 -23.03
C LEU C 180 2.85 42.36 -23.55
N THR C 181 2.01 42.88 -24.42
CA THR C 181 2.22 44.22 -24.97
C THR C 181 2.34 45.23 -23.85
N THR C 182 1.45 45.12 -22.86
CA THR C 182 1.49 46.01 -21.71
C THR C 182 2.80 45.89 -20.91
N LEU C 183 3.28 44.65 -20.68
CA LEU C 183 4.51 44.44 -19.92
C LEU C 183 5.74 44.91 -20.72
N LEU C 184 5.73 44.61 -22.01
CA LEU C 184 6.81 45.00 -22.89
C LEU C 184 6.89 46.54 -23.01
N ASP C 185 5.74 47.20 -23.20
CA ASP C 185 5.73 48.66 -23.30
C ASP C 185 6.19 49.25 -21.99
N ALA C 186 5.72 48.68 -20.90
CA ALA C 186 6.10 49.20 -19.60
C ALA C 186 7.59 49.09 -19.39
N ALA C 187 8.24 48.08 -19.97
CA ALA C 187 9.70 47.91 -19.82
C ALA C 187 10.54 48.76 -20.80
N ASP C 188 9.86 49.56 -21.62
CA ASP C 188 10.52 50.40 -22.64
C ASP C 188 11.25 49.55 -23.68
N MSE C 189 10.69 48.37 -23.98
CA MSE C 189 11.27 47.46 -24.95
C MSE C 189 11.20 48.06 -26.35
O MSE C 189 10.11 48.41 -26.84
CB MSE C 189 10.55 46.12 -24.95
CG MSE C 189 10.85 45.26 -23.73
SE MSE C 189 12.61 44.42 -23.86
CE MSE C 189 12.07 43.06 -25.16
N HIS C 190 12.36 48.14 -27.00
CA HIS C 190 12.46 48.60 -28.37
C HIS C 190 11.97 47.50 -29.31
N LYS D 7 -12.27 18.57 22.63
CA LYS D 7 -13.06 19.58 21.88
C LYS D 7 -13.46 19.11 20.46
N GLN D 8 -12.54 19.10 19.49
CA GLN D 8 -12.92 18.79 18.10
C GLN D 8 -13.57 17.44 17.79
N SER D 9 -14.71 17.49 17.10
CA SER D 9 -15.43 16.31 16.71
C SER D 9 -14.63 15.49 15.69
N PRO D 10 -14.88 14.18 15.63
CA PRO D 10 -14.22 13.36 14.64
C PRO D 10 -14.30 13.96 13.24
N ARG D 11 -15.48 14.43 12.84
CA ARG D 11 -15.65 15.01 11.51
C ARG D 11 -14.73 16.23 11.32
N GLU D 12 -14.69 17.13 12.29
CA GLU D 12 -13.81 18.30 12.20
C GLU D 12 -12.31 17.94 12.25
N ARG D 13 -11.93 16.90 13.01
CA ARG D 13 -10.53 16.48 13.05
C ARG D 13 -10.15 15.97 11.65
N LEU D 14 -11.07 15.26 11.02
CA LEU D 14 -10.87 14.78 9.64
C LEU D 14 -10.75 15.94 8.65
N LEU D 15 -11.60 16.96 8.78
CA LEU D 15 -11.49 18.12 7.86
C LEU D 15 -10.13 18.81 8.00
N GLU D 16 -9.66 18.94 9.22
CA GLU D 16 -8.38 19.58 9.51
C GLU D 16 -7.20 18.77 8.92
N ALA D 17 -7.20 17.46 9.18
CA ALA D 17 -6.14 16.59 8.70
C ALA D 17 -6.14 16.60 7.17
N ALA D 18 -7.31 16.53 6.56
CA ALA D 18 -7.40 16.58 5.08
C ALA D 18 -6.82 17.88 4.52
N ALA D 19 -7.13 18.99 5.16
CA ALA D 19 -6.66 20.29 4.72
C ALA D 19 -5.15 20.43 4.90
N ALA D 20 -4.69 20.06 6.08
CA ALA D 20 -3.29 20.20 6.38
C ALA D 20 -2.41 19.24 5.58
N LEU D 21 -2.76 17.96 5.56
CA LEU D 21 -1.89 17.00 4.90
C LEU D 21 -1.92 17.13 3.38
N THR D 22 -3.09 17.36 2.78
CA THR D 22 -3.15 17.50 1.34
C THR D 22 -2.33 18.72 0.88
N TYR D 23 -2.34 19.80 1.65
CA TYR D 23 -1.59 21.00 1.31
C TYR D 23 -0.07 20.81 1.45
N ARG D 24 0.37 20.19 2.53
CA ARG D 24 1.79 19.96 2.76
C ARG D 24 2.33 18.80 1.90
N ASP D 25 1.64 17.66 1.95
CA ASP D 25 2.09 16.43 1.29
C ASP D 25 1.45 16.06 -0.04
N GLY D 26 0.42 16.77 -0.48
CA GLY D 26 -0.20 16.47 -1.77
C GLY D 26 -1.52 15.73 -1.65
N VAL D 27 -2.33 15.85 -2.70
CA VAL D 27 -3.67 15.26 -2.68
C VAL D 27 -3.67 13.73 -2.60
N GLY D 28 -2.52 13.11 -2.86
CA GLY D 28 -2.43 11.65 -2.80
C GLY D 28 -2.27 10.98 -1.44
N ILE D 29 -2.25 11.73 -0.34
CA ILE D 29 -2.10 11.10 0.96
C ILE D 29 -3.29 10.14 1.16
N GLY D 30 -3.01 8.96 1.66
CA GLY D 30 -4.03 7.94 1.80
C GLY D 30 -4.94 8.05 3.01
N VAL D 31 -5.99 7.22 2.97
CA VAL D 31 -6.96 7.07 4.04
C VAL D 31 -6.29 6.76 5.41
N GLU D 32 -5.36 5.82 5.45
CA GLU D 32 -4.70 5.48 6.72
C GLU D 32 -4.01 6.70 7.32
N ALA D 33 -3.20 7.39 6.53
CA ALA D 33 -2.46 8.56 7.02
C ALA D 33 -3.43 9.65 7.51
N LEU D 34 -4.52 9.82 6.79
CA LEU D 34 -5.48 10.87 7.09
C LEU D 34 -6.20 10.51 8.41
N CYS D 35 -6.62 9.25 8.53
CA CYS D 35 -7.26 8.79 9.75
C CYS D 35 -6.34 8.84 10.96
N LYS D 36 -5.07 8.46 10.75
CA LYS D 36 -4.09 8.47 11.82
C LYS D 36 -3.88 9.90 12.29
N ALA D 37 -3.71 10.84 11.36
CA ALA D 37 -3.56 12.24 11.75
C ALA D 37 -4.82 12.80 12.44
N ALA D 38 -6.01 12.38 12.02
CA ALA D 38 -7.24 12.88 12.64
C ALA D 38 -7.56 12.22 13.98
N GLY D 39 -6.89 11.12 14.29
CA GLY D 39 -7.21 10.37 15.48
C GLY D 39 -8.60 9.75 15.38
N VAL D 40 -9.02 9.35 14.17
CA VAL D 40 -10.32 8.70 13.99
C VAL D 40 -10.10 7.34 13.30
N SER D 41 -11.09 6.46 13.36
CA SER D 41 -11.02 5.14 12.72
C SER D 41 -11.48 5.28 11.28
N LYS D 42 -11.08 4.33 10.43
CA LYS D 42 -11.57 4.33 9.05
C LYS D 42 -13.11 4.19 9.04
N ARG D 43 -13.66 3.43 9.96
CA ARG D 43 -15.12 3.32 10.04
C ARG D 43 -15.76 4.69 10.22
N SER D 44 -15.26 5.47 11.17
CA SER D 44 -15.79 6.82 11.41
C SER D 44 -15.72 7.65 10.12
N MSE D 45 -14.62 7.55 9.41
CA MSE D 45 -14.47 8.31 8.20
C MSE D 45 -15.54 7.94 7.18
O MSE D 45 -16.15 8.83 6.58
CB MSE D 45 -13.11 8.11 7.53
CG MSE D 45 -12.91 9.15 6.43
SE MSE D 45 -11.51 8.87 5.19
CE MSE D 45 -12.37 7.49 4.10
N TYR D 46 -15.73 6.65 6.95
CA TYR D 46 -16.73 6.21 5.99
C TYR D 46 -18.19 6.42 6.49
N GLN D 47 -18.40 6.49 7.80
CA GLN D 47 -19.75 6.82 8.28
C GLN D 47 -20.02 8.31 7.96
N LEU D 48 -19.02 9.17 8.12
CA LEU D 48 -19.14 10.61 7.89
C LEU D 48 -19.09 11.07 6.44
N PHE D 49 -18.34 10.35 5.59
CA PHE D 49 -18.19 10.69 4.17
C PHE D 49 -18.25 9.46 3.26
N GLU D 50 -18.63 9.71 2.02
CA GLU D 50 -18.72 8.70 0.99
C GLU D 50 -17.33 8.18 0.65
N SER D 51 -16.38 9.09 0.58
CA SER D 51 -15.02 8.76 0.20
C SER D 51 -14.07 9.85 0.62
N LYS D 52 -12.79 9.55 0.47
CA LYS D 52 -11.75 10.52 0.75
C LYS D 52 -11.92 11.72 -0.19
N ASP D 53 -12.29 11.46 -1.43
CA ASP D 53 -12.60 12.51 -2.39
C ASP D 53 -13.60 13.55 -1.86
N GLU D 54 -14.71 13.07 -1.29
CA GLU D 54 -15.73 13.97 -0.74
C GLU D 54 -15.25 14.65 0.53
N LEU D 55 -14.45 13.95 1.33
CA LEU D 55 -13.84 14.55 2.53
C LEU D 55 -13.02 15.75 2.12
N LEU D 56 -12.16 15.56 1.12
CA LEU D 56 -11.30 16.66 0.63
C LEU D 56 -12.17 17.84 0.16
N ALA D 57 -13.20 17.54 -0.64
CA ALA D 57 -14.13 18.57 -1.12
C ALA D 57 -14.74 19.32 0.06
N ALA D 58 -15.23 18.59 1.06
CA ALA D 58 -15.78 19.23 2.26
C ALA D 58 -14.80 20.12 3.00
N SER D 59 -13.56 19.66 3.13
CA SER D 59 -12.52 20.41 3.82
CA SER D 59 -12.53 20.42 3.84
C SER D 59 -12.24 21.73 3.10
N LEU D 60 -12.20 21.67 1.76
CA LEU D 60 -12.00 22.88 0.97
C LEU D 60 -13.18 23.84 1.13
N LYS D 61 -14.37 23.32 0.91
CA LYS D 61 -15.56 24.14 0.97
C LYS D 61 -15.81 24.76 2.35
N GLU D 62 -15.74 23.93 3.38
CA GLU D 62 -16.10 24.42 4.72
C GLU D 62 -15.10 25.36 5.39
N ARG D 63 -13.90 25.44 4.85
CA ARG D 63 -12.89 26.33 5.41
C ARG D 63 -12.67 27.55 4.52
N SER D 64 -13.39 27.64 3.40
CA SER D 64 -13.15 28.74 2.46
C SER D 64 -13.65 30.08 2.97
N ALA D 65 -14.77 30.12 3.68
CA ALA D 65 -15.26 31.41 4.17
C ALA D 65 -14.17 32.13 4.98
N ALA D 66 -13.48 31.38 5.83
CA ALA D 66 -12.41 31.90 6.69
C ALA D 66 -11.24 32.39 5.85
N PHE D 67 -10.82 31.58 4.88
CA PHE D 67 -9.79 32.00 3.91
C PHE D 67 -10.18 33.32 3.22
N VAL D 68 -11.37 33.35 2.61
CA VAL D 68 -11.82 34.57 1.93
C VAL D 68 -11.81 35.79 2.84
N ALA D 69 -12.25 35.60 4.08
CA ALA D 69 -12.27 36.65 5.07
C ALA D 69 -10.88 37.27 5.23
N LYS D 70 -9.84 36.44 5.16
CA LYS D 70 -8.46 36.91 5.25
C LYS D 70 -7.91 37.41 3.92
N ALA D 71 -8.06 36.61 2.86
CA ALA D 71 -7.50 36.93 1.57
C ALA D 71 -8.01 38.23 0.93
N LEU D 72 -9.21 38.65 1.30
CA LEU D 72 -9.79 39.86 0.76
C LEU D 72 -9.88 40.92 1.86
N PRO D 73 -9.83 42.22 1.45
CA PRO D 73 -9.94 43.31 2.40
C PRO D 73 -11.36 43.39 2.92
N PRO D 74 -11.56 44.05 4.06
CA PRO D 74 -12.91 44.08 4.64
C PRO D 74 -13.86 45.02 3.90
N ALA D 75 -15.16 44.79 4.11
CA ALA D 75 -16.23 45.55 3.48
C ALA D 75 -16.25 47.02 3.83
N ASP D 76 -16.08 47.33 5.11
CA ASP D 76 -16.20 48.72 5.58
C ASP D 76 -14.91 49.54 5.45
N ASP D 77 -13.95 49.07 4.66
CA ASP D 77 -12.70 49.78 4.50
C ASP D 77 -12.97 51.00 3.63
N GLY D 78 -12.08 51.97 3.69
CA GLY D 78 -12.24 53.19 2.90
C GLY D 78 -11.31 53.17 1.72
N ARG D 79 -10.90 51.97 1.31
CA ARG D 79 -9.95 51.81 0.22
C ARG D 79 -10.54 52.02 -1.15
N SER D 80 -9.70 52.49 -2.07
CA SER D 80 -10.10 52.68 -3.44
C SER D 80 -10.06 51.31 -4.11
N PRO D 81 -10.60 51.21 -5.33
CA PRO D 81 -10.53 49.94 -6.03
C PRO D 81 -9.09 49.43 -6.19
N ARG D 82 -8.18 50.32 -6.57
CA ARG D 82 -6.77 49.93 -6.73
C ARG D 82 -6.17 49.46 -5.40
N GLU D 83 -6.48 50.17 -4.31
CA GLU D 83 -5.98 49.78 -3.00
C GLU D 83 -6.48 48.40 -2.62
N ARG D 84 -7.76 48.14 -2.88
CA ARG D 84 -8.36 46.82 -2.55
C ARG D 84 -7.74 45.66 -3.32
N ILE D 85 -7.41 45.89 -4.59
CA ILE D 85 -6.73 44.90 -5.42
C ILE D 85 -5.32 44.68 -4.86
N LEU D 86 -4.58 45.78 -4.66
CA LEU D 86 -3.25 45.73 -4.08
C LEU D 86 -3.25 44.89 -2.80
N TYR D 87 -4.23 45.12 -1.91
CA TYR D 87 -4.37 44.38 -0.65
C TYR D 87 -4.32 42.86 -0.89
N VAL D 88 -5.11 42.38 -1.84
CA VAL D 88 -5.13 40.95 -2.12
C VAL D 88 -3.74 40.39 -2.49
N PHE D 89 -3.01 41.08 -3.35
CA PHE D 89 -1.67 40.62 -3.70
C PHE D 89 -0.67 40.89 -2.58
N GLU D 90 -0.91 41.89 -1.76
CA GLU D 90 -0.05 42.13 -0.60
C GLU D 90 -0.08 40.89 0.29
N ARG D 91 -1.27 40.34 0.54
CA ARG D 91 -1.32 39.13 1.34
C ARG D 91 -0.57 37.98 0.74
N VAL D 92 -0.65 37.81 -0.58
CA VAL D 92 0.10 36.74 -1.23
C VAL D 92 1.59 36.88 -0.97
N GLU D 93 2.10 38.10 -1.10
CA GLU D 93 3.51 38.32 -0.94
C GLU D 93 3.93 37.98 0.49
N SER D 94 3.10 38.39 1.45
CA SER D 94 3.40 38.13 2.86
C SER D 94 3.39 36.66 3.17
N GLN D 95 2.33 35.97 2.76
CA GLN D 95 2.23 34.54 2.99
C GLN D 95 3.33 33.79 2.23
N ALA D 96 3.84 34.39 1.15
CA ALA D 96 4.92 33.77 0.38
C ALA D 96 6.17 33.65 1.24
N GLY D 97 6.42 34.64 2.10
CA GLY D 97 7.57 34.61 3.00
C GLY D 97 7.51 33.56 4.10
N ALA D 98 6.31 33.05 4.39
CA ALA D 98 6.15 32.03 5.42
C ALA D 98 6.85 30.75 4.98
N PRO D 99 7.62 30.12 5.87
CA PRO D 99 8.33 28.89 5.49
C PRO D 99 7.38 27.71 5.17
N ASP D 100 6.20 27.69 5.78
CA ASP D 100 5.22 26.65 5.51
C ASP D 100 4.44 26.88 4.18
N PHE D 101 4.81 27.89 3.40
CA PHE D 101 4.07 28.24 2.17
C PHE D 101 4.30 27.30 0.97
N GLN D 102 3.20 26.78 0.43
CA GLN D 102 3.27 25.92 -0.72
C GLN D 102 2.29 26.31 -1.82
N GLY D 103 2.02 27.61 -1.90
CA GLY D 103 1.20 28.17 -2.95
C GLY D 103 -0.26 28.32 -2.61
N CYS D 104 -1.04 28.50 -3.68
CA CYS D 104 -2.48 28.60 -3.56
C CYS D 104 -3.04 27.18 -3.45
N ARG D 105 -3.65 26.91 -2.31
CA ARG D 105 -4.26 25.63 -2.01
C ARG D 105 -5.20 25.14 -3.12
N TYR D 106 -5.95 26.07 -3.69
CA TYR D 106 -7.02 25.77 -4.63
C TYR D 106 -6.48 25.47 -6.02
N LEU D 107 -5.49 26.27 -6.43
CA LEU D 107 -4.78 25.99 -7.66
C LEU D 107 -4.06 24.65 -7.55
N ALA D 108 -3.37 24.43 -6.42
CA ALA D 108 -2.64 23.17 -6.24
C ALA D 108 -3.55 21.96 -6.38
N VAL D 109 -4.69 21.99 -5.69
CA VAL D 109 -5.66 20.89 -5.77
C VAL D 109 -6.04 20.58 -7.23
N GLN D 110 -6.35 21.61 -8.00
CA GLN D 110 -6.78 21.43 -9.39
C GLN D 110 -5.66 20.87 -10.26
N ILE D 111 -4.45 21.39 -10.08
CA ILE D 111 -3.31 20.89 -10.85
C ILE D 111 -3.01 19.44 -10.52
N GLU D 112 -3.06 19.11 -9.24
CA GLU D 112 -2.70 17.77 -8.84
C GLU D 112 -3.75 16.71 -9.19
N LEU D 113 -5.03 17.06 -9.16
CA LEU D 113 -6.05 16.03 -9.41
C LEU D 113 -6.18 15.62 -10.87
N LYS D 114 -5.89 16.56 -11.77
CA LYS D 114 -5.98 16.34 -13.21
C LYS D 114 -7.34 15.77 -13.60
N ASP D 115 -8.40 16.36 -13.05
CA ASP D 115 -9.76 15.93 -13.32
C ASP D 115 -10.72 17.00 -12.82
N GLN D 116 -11.20 17.81 -13.77
CA GLN D 116 -12.07 18.95 -13.51
C GLN D 116 -13.43 18.54 -12.95
N ALA D 117 -13.79 17.26 -13.14
CA ALA D 117 -15.05 16.73 -12.65
C ALA D 117 -14.90 16.21 -11.22
N HIS D 118 -13.67 16.10 -10.72
CA HIS D 118 -13.46 15.63 -9.36
C HIS D 118 -14.15 16.63 -8.41
N PRO D 119 -14.91 16.12 -7.41
CA PRO D 119 -15.60 17.09 -6.52
C PRO D 119 -14.71 18.13 -5.82
N ALA D 120 -13.53 17.73 -5.38
CA ALA D 120 -12.57 18.65 -4.75
C ALA D 120 -12.12 19.74 -5.75
N SER D 121 -11.87 19.32 -7.00
CA SER D 121 -11.47 20.25 -8.06
CA SER D 121 -11.46 20.27 -8.03
C SER D 121 -12.59 21.26 -8.35
N ARG D 122 -13.84 20.82 -8.32
CA ARG D 122 -14.98 21.70 -8.57
C ARG D 122 -15.10 22.75 -7.48
N VAL D 123 -14.93 22.35 -6.22
CA VAL D 123 -14.99 23.31 -5.13
C VAL D 123 -13.86 24.35 -5.29
N ALA D 124 -12.67 23.88 -5.59
CA ALA D 124 -11.49 24.72 -5.77
C ALA D 124 -11.68 25.69 -6.93
N TYR D 125 -12.22 25.19 -8.05
CA TYR D 125 -12.50 25.99 -9.22
C TYR D 125 -13.47 27.12 -8.88
N GLN D 126 -14.54 26.79 -8.14
CA GLN D 126 -15.55 27.78 -7.77
C GLN D 126 -14.97 28.83 -6.81
N ILE D 127 -14.19 28.39 -5.83
CA ILE D 127 -13.56 29.33 -4.91
C ILE D 127 -12.70 30.30 -5.73
N LYS D 128 -11.99 29.80 -6.74
CA LYS D 128 -11.15 30.68 -7.56
C LYS D 128 -11.96 31.53 -8.54
N ALA D 129 -13.12 31.05 -8.98
CA ALA D 129 -13.98 31.91 -9.82
C ALA D 129 -14.50 33.06 -8.94
N ASP D 130 -14.80 32.76 -7.68
CA ASP D 130 -15.24 33.78 -6.74
C ASP D 130 -14.17 34.86 -6.58
N LEU D 131 -12.89 34.48 -6.57
CA LEU D 131 -11.80 35.47 -6.42
C LEU D 131 -11.73 36.37 -7.64
N MSE D 132 -11.88 35.78 -8.82
CA MSE D 132 -11.87 36.56 -10.05
C MSE D 132 -13.06 37.52 -10.08
O MSE D 132 -12.92 38.67 -10.52
CB MSE D 132 -11.89 35.65 -11.27
CG MSE D 132 -11.91 36.41 -12.59
SE MSE D 132 -11.60 35.21 -14.07
CE MSE D 132 -12.98 33.88 -13.71
N ALA D 133 -14.22 37.08 -9.59
CA ALA D 133 -15.39 37.97 -9.55
C ALA D 133 -15.06 39.20 -8.70
N PHE D 134 -14.30 38.99 -7.62
CA PHE D 134 -13.90 40.12 -6.78
C PHE D 134 -13.10 41.10 -7.60
N PHE D 135 -12.11 40.60 -8.33
CA PHE D 135 -11.32 41.47 -9.18
C PHE D 135 -12.21 42.13 -10.23
N ARG D 136 -13.12 41.36 -10.83
CA ARG D 136 -14.01 41.87 -11.85
C ARG D 136 -14.84 43.02 -11.29
N SER D 137 -15.31 42.85 -10.06
CA SER D 137 -16.14 43.86 -9.40
C SER D 137 -15.37 45.14 -9.12
N GLU D 138 -14.16 44.99 -8.57
CA GLU D 138 -13.32 46.15 -8.28
C GLU D 138 -12.84 46.85 -9.55
N ALA D 139 -12.57 46.05 -10.59
CA ALA D 139 -12.19 46.57 -11.89
C ALA D 139 -13.23 47.57 -12.37
N GLU D 140 -14.48 47.11 -12.42
CA GLU D 140 -15.55 47.96 -12.93
C GLU D 140 -15.76 49.14 -12.02
N ARG D 141 -15.70 48.90 -10.71
CA ARG D 141 -15.91 50.00 -9.76
C ARG D 141 -14.83 51.07 -9.94
N GLY D 142 -13.64 50.65 -10.35
CA GLY D 142 -12.51 51.56 -10.59
C GLY D 142 -12.41 52.12 -12.00
N GLY D 143 -13.40 51.88 -12.83
CA GLY D 143 -13.43 52.43 -14.17
C GLY D 143 -12.56 51.79 -15.21
N ALA D 144 -12.11 50.57 -14.98
CA ALA D 144 -11.27 49.89 -15.96
C ALA D 144 -11.95 49.91 -17.33
N SER D 145 -11.17 50.08 -18.40
CA SER D 145 -11.75 50.08 -19.75
C SER D 145 -12.47 48.76 -20.09
N ASP D 146 -11.84 47.63 -19.73
CA ASP D 146 -12.37 46.28 -19.97
C ASP D 146 -12.22 45.47 -18.67
N PRO D 147 -13.20 45.57 -17.76
CA PRO D 147 -13.13 44.88 -16.47
C PRO D 147 -12.91 43.37 -16.55
N ASP D 148 -13.47 42.73 -17.58
CA ASP D 148 -13.31 41.27 -17.73
C ASP D 148 -11.87 40.93 -18.07
N LEU D 149 -11.28 41.69 -18.99
CA LEU D 149 -9.89 41.47 -19.36
C LEU D 149 -8.99 41.61 -18.13
N LEU D 150 -9.17 42.71 -17.40
CA LEU D 150 -8.35 43.00 -16.21
C LEU D 150 -8.54 41.95 -15.14
N ALA D 151 -9.76 41.43 -14.97
CA ALA D 151 -10.03 40.40 -13.97
C ALA D 151 -9.27 39.13 -14.34
N ARG D 152 -9.30 38.79 -15.63
CA ARG D 152 -8.62 37.60 -16.11
C ARG D 152 -7.10 37.78 -15.95
N GLN D 153 -6.62 39.01 -16.14
CA GLN D 153 -5.20 39.29 -15.99
C GLN D 153 -4.81 39.21 -14.54
N LEU D 154 -5.64 39.77 -13.65
CA LEU D 154 -5.30 39.79 -12.24
C LEU D 154 -5.27 38.39 -11.65
N ILE D 155 -6.27 37.56 -11.97
CA ILE D 155 -6.31 36.20 -11.46
C ILE D 155 -5.13 35.38 -12.08
N LEU D 156 -4.68 35.71 -13.30
CA LEU D 156 -3.59 34.99 -13.93
C LEU D 156 -2.31 35.31 -13.16
N VAL D 157 -2.10 36.57 -12.84
CA VAL D 157 -0.96 36.98 -12.02
C VAL D 157 -1.04 36.39 -10.59
N PHE D 158 -2.25 36.26 -10.05
CA PHE D 158 -2.43 35.69 -8.72
C PHE D 158 -1.96 34.23 -8.77
N ASP D 159 -2.40 33.50 -9.79
CA ASP D 159 -2.02 32.11 -9.95
C ASP D 159 -0.53 31.92 -10.23
N GLY D 160 0.03 32.74 -11.11
CA GLY D 160 1.45 32.69 -11.42
C GLY D 160 2.31 33.00 -10.22
N ALA D 161 1.93 34.04 -9.49
CA ALA D 161 2.68 34.44 -8.31
C ALA D 161 2.60 33.35 -7.26
N SER D 162 1.39 32.87 -7.00
CA SER D 162 1.19 31.82 -6.03
C SER D 162 1.95 30.53 -6.39
N ALA D 163 1.90 30.16 -7.65
CA ALA D 163 2.52 28.94 -8.08
C ALA D 163 4.04 29.07 -7.92
N ARG D 164 4.60 30.15 -8.45
CA ARG D 164 6.06 30.29 -8.38
C ARG D 164 6.59 30.51 -6.98
N ALA D 165 5.83 31.23 -6.16
CA ALA D 165 6.26 31.40 -4.76
C ALA D 165 6.14 30.05 -4.03
N GLY D 166 5.10 29.31 -4.36
CA GLY D 166 4.83 28.01 -3.73
C GLY D 166 5.88 26.94 -3.99
N ILE D 167 6.57 27.01 -5.11
CA ILE D 167 7.58 26.03 -5.45
C ILE D 167 8.97 26.59 -5.21
N GLY D 168 9.07 27.82 -4.72
CA GLY D 168 10.36 28.41 -4.43
C GLY D 168 11.07 28.97 -5.65
N ALA D 169 10.36 29.24 -6.74
CA ALA D 169 10.98 29.80 -7.94
C ALA D 169 11.12 31.32 -7.87
N ASP D 170 10.30 31.98 -7.07
CA ASP D 170 10.35 33.44 -6.97
C ASP D 170 9.68 33.84 -5.65
N ASN D 171 10.39 34.62 -4.84
CA ASN D 171 9.87 35.10 -3.55
C ASN D 171 8.91 36.31 -3.68
N LEU D 172 8.74 36.81 -4.91
CA LEU D 172 7.84 37.93 -5.24
C LEU D 172 8.30 39.33 -4.84
N THR D 173 9.41 39.42 -4.11
CA THR D 173 9.94 40.70 -3.64
C THR D 173 10.27 41.60 -4.81
N GLY D 174 9.68 42.79 -4.79
CA GLY D 174 9.85 43.75 -5.86
C GLY D 174 9.17 43.41 -7.18
N LEU D 175 8.40 42.33 -7.21
CA LEU D 175 7.76 41.89 -8.45
C LEU D 175 6.28 42.29 -8.56
N ILE D 176 5.55 42.16 -7.46
CA ILE D 176 4.10 42.38 -7.47
C ILE D 176 3.62 43.81 -7.64
N VAL D 177 4.17 44.74 -6.89
CA VAL D 177 3.74 46.13 -7.01
C VAL D 177 3.96 46.70 -8.41
N PRO D 178 5.16 46.52 -8.99
CA PRO D 178 5.30 47.07 -10.34
C PRO D 178 4.38 46.40 -11.39
N THR D 179 4.19 45.09 -11.29
CA THR D 179 3.34 44.37 -12.23
C THR D 179 1.89 44.83 -12.09
N LEU D 180 1.43 44.94 -10.85
CA LEU D 180 0.06 45.41 -10.61
C LEU D 180 -0.11 46.82 -11.09
N THR D 181 0.87 47.67 -10.81
CA THR D 181 0.80 49.05 -11.22
C THR D 181 0.68 49.13 -12.73
N THR D 182 1.46 48.33 -13.44
CA THR D 182 1.43 48.33 -14.89
C THR D 182 0.10 47.88 -15.47
N LEU D 183 -0.50 46.83 -14.91
CA LEU D 183 -1.78 46.33 -15.40
C LEU D 183 -2.92 47.31 -15.08
N LEU D 184 -2.89 47.85 -13.88
CA LEU D 184 -3.93 48.79 -13.45
C LEU D 184 -3.87 50.08 -14.25
N ASP D 185 -2.67 50.59 -14.53
CA ASP D 185 -2.51 51.78 -15.36
C ASP D 185 -2.97 51.51 -16.79
N ALA D 186 -2.56 50.38 -17.34
CA ALA D 186 -2.96 49.98 -18.69
C ALA D 186 -4.47 49.89 -18.87
N ALA D 187 -5.21 49.62 -17.79
CA ALA D 187 -6.67 49.52 -17.82
C ALA D 187 -7.37 50.84 -17.51
N ASP D 188 -6.60 51.94 -17.39
CA ASP D 188 -7.13 53.26 -17.04
C ASP D 188 -7.83 53.35 -15.69
N MSE D 189 -7.36 52.60 -14.69
CA MSE D 189 -7.95 52.65 -13.34
C MSE D 189 -7.72 54.05 -12.76
O MSE D 189 -6.57 54.44 -12.50
CB MSE D 189 -7.27 51.64 -12.41
CG MSE D 189 -7.46 50.18 -12.74
SE MSE D 189 -9.13 49.46 -12.15
CE MSE D 189 -9.00 49.77 -10.22
N HIS D 190 -8.81 54.79 -12.57
CA HIS D 190 -8.73 56.15 -12.02
C HIS D 190 -7.91 56.09 -10.73
C1 EDO E . -8.29 -31.17 27.10
O1 EDO E . -9.60 -31.60 27.51
C2 EDO E . -7.32 -31.12 28.28
O2 EDO E . -6.73 -29.83 28.40
C1 EDO F . -12.95 -27.35 5.81
O1 EDO F . -13.16 -26.33 4.81
C2 EDO F . -11.78 -26.98 6.70
O2 EDO F . -12.15 -26.18 7.85
C1 EDO G . 10.79 -23.40 13.63
O1 EDO G . 11.18 -23.91 12.34
C2 EDO G . 11.97 -23.13 14.56
O2 EDO G . 12.50 -21.81 14.31
C1 EDO H . -2.20 -27.92 28.43
O1 EDO H . -3.42 -28.66 28.25
C2 EDO H . -1.71 -27.47 27.06
O2 EDO H . -1.68 -26.04 27.01
MG MG I . 15.29 52.80 -24.76
#